data_5AOQ
#
_entry.id   5AOQ
#
_cell.length_a   53.420
_cell.length_b   90.960
_cell.length_c   244.280
_cell.angle_alpha   90.00
_cell.angle_beta   90.00
_cell.angle_gamma   90.00
#
_symmetry.space_group_name_H-M   'P 21 21 21'
#
loop_
_entity.id
_entity.type
_entity.pdbx_description
1 polymer TORSO
2 polymer PREPROPTTH
3 branched 2-acetamido-2-deoxy-beta-D-glucopyranose-(1-4)-2-acetamido-2-deoxy-beta-D-glucopyranose
#
loop_
_entity_poly.entity_id
_entity_poly.type
_entity_poly.pdbx_seq_one_letter_code
_entity_poly.pdbx_strand_id
1 'polypeptide(L)'
;HHHHHHHHGEVVSQRYPPAPGLLKYLEQDVCYSLYYYLNWTSLADCKTNFEETGISDVPSTVKVRCQSKNSIRFETEPSE
HWQLFILMEHDNFDPIPFTLIEPNNVFGELITTANKEYQIWSTYLDEYGTLQDWMEGPIVLKFDQRNQQPDDIKYNVTQE
FKYIILGNDSYTINGKFVWNTTGDRDLCFDIANICQNTNMKHAKIWPTAHPSFDVENLVLNDECEIHVKGIHGTTKHKYK
TPSCFELPECFLNNMEPEIPQDVAIAADQDLR
;
A,B
2 'polypeptide(L)'
;SLDQVENQAIPDPPCTCKYKKEIEDLGENSVPRFIETRNCQKTQQPTCRPPYICKESLYSITILKRRETKSQESLEIPNE
LKYRWVAESHPVSVACLCTRDYQLRYNNN
;
L,M
#
loop_
_chem_comp.id
_chem_comp.type
_chem_comp.name
_chem_comp.formula
NAG D-saccharide, beta linking 2-acetamido-2-deoxy-beta-D-glucopyranose 'C8 H15 N O6'
#
# COMPACT_ATOMS: atom_id res chain seq x y z
N VAL A 12 -36.01 -2.74 24.28
CA VAL A 12 -35.22 -3.95 24.34
C VAL A 12 -34.20 -3.97 23.21
N SER A 13 -33.07 -4.62 23.44
CA SER A 13 -32.01 -4.73 22.44
C SER A 13 -32.37 -5.75 21.37
N GLN A 14 -31.63 -5.71 20.26
CA GLN A 14 -31.86 -6.61 19.13
C GLN A 14 -30.77 -7.67 19.04
N ARG A 15 -30.90 -8.57 18.07
CA ARG A 15 -29.91 -9.60 17.81
C ARG A 15 -29.72 -9.75 16.29
N TYR A 16 -28.51 -10.08 15.89
CA TYR A 16 -28.16 -10.16 14.47
C TYR A 16 -27.50 -11.50 14.14
N PRO A 17 -28.31 -12.49 13.71
CA PRO A 17 -27.76 -13.82 13.44
C PRO A 17 -26.83 -13.85 12.22
N PRO A 18 -25.93 -14.84 12.15
CA PRO A 18 -25.00 -14.96 11.02
C PRO A 18 -25.71 -15.12 9.68
N ALA A 19 -25.09 -14.59 8.63
CA ALA A 19 -25.64 -14.67 7.28
C ALA A 19 -24.71 -15.51 6.40
N PRO A 20 -25.07 -16.79 6.17
CA PRO A 20 -24.20 -17.68 5.37
C PRO A 20 -24.05 -17.21 3.93
N GLY A 21 -25.09 -16.58 3.40
CA GLY A 21 -25.08 -16.12 2.03
C GLY A 21 -24.01 -15.07 1.78
N LEU A 22 -23.58 -14.43 2.86
CA LEU A 22 -22.52 -13.43 2.79
C LEU A 22 -21.22 -13.96 3.41
N LEU A 23 -21.36 -14.63 4.55
CA LEU A 23 -20.22 -15.28 5.20
C LEU A 23 -19.54 -16.28 4.27
N LYS A 24 -20.30 -16.78 3.30
CA LYS A 24 -19.78 -17.66 2.26
C LYS A 24 -18.52 -17.12 1.59
N TYR A 25 -18.35 -15.80 1.61
CA TYR A 25 -17.27 -15.15 0.87
C TYR A 25 -15.98 -14.95 1.69
N LEU A 26 -16.03 -15.32 2.97
CA LEU A 26 -14.84 -15.24 3.82
C LEU A 26 -13.98 -16.51 3.70
N GLU A 27 -14.45 -17.46 2.91
CA GLU A 27 -13.80 -18.75 2.79
C GLU A 27 -12.38 -18.61 2.23
N GLN A 28 -12.19 -17.67 1.30
CA GLN A 28 -10.87 -17.42 0.75
C GLN A 28 -9.92 -16.98 1.86
N ASP A 29 -10.37 -15.98 2.63
CA ASP A 29 -9.58 -15.47 3.75
C ASP A 29 -9.23 -16.58 4.73
N VAL A 30 -10.25 -17.29 5.20
CA VAL A 30 -10.07 -18.35 6.18
C VAL A 30 -9.16 -19.45 5.63
N CYS A 31 -9.34 -19.79 4.36
CA CYS A 31 -8.58 -20.87 3.76
C CYS A 31 -7.12 -20.47 3.54
N TYR A 32 -6.89 -19.23 3.14
CA TYR A 32 -5.52 -18.73 3.00
C TYR A 32 -4.82 -18.69 4.35
N SER A 33 -5.44 -18.01 5.31
CA SER A 33 -4.84 -17.84 6.64
C SER A 33 -4.46 -19.17 7.29
N LEU A 34 -5.08 -20.26 6.84
CA LEU A 34 -4.75 -21.59 7.33
C LEU A 34 -3.84 -22.34 6.35
N TYR A 35 -3.99 -22.03 5.06
CA TYR A 35 -3.19 -22.67 4.03
C TYR A 35 -1.73 -22.28 4.16
N TYR A 36 -1.49 -21.00 4.47
CA TYR A 36 -0.14 -20.48 4.60
C TYR A 36 0.44 -20.77 5.98
N TYR A 37 -0.43 -21.02 6.94
CA TYR A 37 -0.01 -21.31 8.32
C TYR A 37 0.30 -22.80 8.51
N LEU A 38 -0.68 -23.65 8.21
CA LEU A 38 -0.54 -25.09 8.39
C LEU A 38 0.22 -25.76 7.26
N ASN A 39 0.47 -25.00 6.19
CA ASN A 39 1.26 -25.49 5.05
C ASN A 39 0.66 -26.78 4.47
N TRP A 40 -0.48 -26.65 3.81
CA TRP A 40 -1.12 -27.79 3.17
C TRP A 40 -0.44 -28.08 1.83
N THR A 41 -0.71 -29.26 1.29
CA THR A 41 -0.18 -29.64 -0.02
C THR A 41 -0.75 -28.71 -1.07
N SER A 42 -2.02 -28.36 -0.90
CA SER A 42 -2.69 -27.43 -1.80
C SER A 42 -3.68 -26.57 -1.00
N LEU A 43 -4.40 -25.71 -1.71
CA LEU A 43 -5.41 -24.86 -1.09
C LEU A 43 -6.77 -25.54 -1.18
N ALA A 44 -6.94 -26.39 -2.19
CA ALA A 44 -8.21 -27.01 -2.50
C ALA A 44 -8.73 -27.87 -1.33
N ASP A 45 -7.81 -28.37 -0.51
CA ASP A 45 -8.20 -29.28 0.57
C ASP A 45 -8.80 -28.53 1.76
N CYS A 46 -9.11 -27.25 1.56
CA CYS A 46 -9.78 -26.45 2.57
C CYS A 46 -11.28 -26.72 2.48
N LYS A 47 -11.82 -27.38 3.50
CA LYS A 47 -13.24 -27.73 3.52
C LYS A 47 -14.02 -26.79 4.43
N THR A 48 -13.70 -25.51 4.37
CA THR A 48 -14.42 -24.50 5.12
C THR A 48 -15.70 -24.13 4.38
N ASN A 49 -16.83 -24.37 5.02
CA ASN A 49 -18.14 -24.11 4.45
C ASN A 49 -19.02 -23.36 5.45
N PHE A 50 -19.36 -22.11 5.12
CA PHE A 50 -20.17 -21.28 6.00
C PHE A 50 -21.66 -21.58 5.86
N GLU A 51 -22.03 -22.22 4.75
CA GLU A 51 -23.43 -22.49 4.47
C GLU A 51 -23.88 -23.82 5.10
N GLU A 52 -22.91 -24.63 5.53
CA GLU A 52 -23.19 -25.90 6.18
C GLU A 52 -23.06 -25.80 7.70
N THR A 53 -22.75 -24.60 8.19
CA THR A 53 -22.54 -24.39 9.62
C THR A 53 -23.84 -23.96 10.29
N GLY A 54 -24.05 -24.42 11.53
CA GLY A 54 -25.27 -24.15 12.27
C GLY A 54 -25.07 -23.15 13.39
N ILE A 55 -26.00 -23.16 14.34
CA ILE A 55 -25.96 -22.23 15.48
C ILE A 55 -26.37 -22.96 16.77
N SER A 56 -25.52 -22.88 17.78
CA SER A 56 -25.75 -23.61 19.03
C SER A 56 -26.41 -22.74 20.10
N ASP A 57 -26.94 -23.39 21.14
CA ASP A 57 -27.50 -22.69 22.28
C ASP A 57 -26.39 -22.08 23.12
N VAL A 58 -25.18 -22.63 22.96
CA VAL A 58 -24.02 -22.22 23.74
C VAL A 58 -23.72 -20.73 23.56
N PRO A 59 -23.83 -19.94 24.64
CA PRO A 59 -23.40 -18.54 24.54
C PRO A 59 -21.89 -18.46 24.40
N SER A 60 -21.42 -17.44 23.69
CA SER A 60 -20.00 -17.28 23.45
C SER A 60 -19.28 -16.78 24.71
N THR A 61 -18.05 -17.25 24.92
CA THR A 61 -17.26 -16.86 26.09
C THR A 61 -16.49 -15.57 25.84
N VAL A 62 -16.64 -15.01 24.64
CA VAL A 62 -15.95 -13.78 24.27
C VAL A 62 -16.30 -12.64 25.22
N LYS A 63 -15.34 -11.75 25.42
CA LYS A 63 -15.54 -10.55 26.23
C LYS A 63 -14.94 -9.33 25.56
N VAL A 64 -15.76 -8.29 25.40
CA VAL A 64 -15.29 -7.02 24.85
C VAL A 64 -14.49 -6.27 25.90
N ARG A 65 -13.20 -6.09 25.64
CA ARG A 65 -12.32 -5.37 26.56
C ARG A 65 -12.24 -3.89 26.19
N CYS A 66 -12.11 -3.61 24.89
CA CYS A 66 -12.04 -2.22 24.42
C CYS A 66 -12.82 -2.02 23.14
N GLN A 67 -13.22 -0.79 22.87
CA GLN A 67 -13.74 -0.42 21.55
C GLN A 67 -13.48 1.05 21.28
N SER A 68 -12.91 1.33 20.11
CA SER A 68 -12.81 2.69 19.62
C SER A 68 -13.90 2.86 18.57
N LYS A 69 -14.23 4.11 18.24
CA LYS A 69 -15.30 4.36 17.28
C LYS A 69 -14.94 3.90 15.87
N ASN A 70 -13.80 3.22 15.73
CA ASN A 70 -13.44 2.59 14.47
C ASN A 70 -12.95 1.14 14.65
N SER A 71 -13.06 0.60 15.86
CA SER A 71 -12.61 -0.78 16.12
C SER A 71 -13.11 -1.37 17.45
N ILE A 72 -12.92 -2.69 17.61
CA ILE A 72 -13.23 -3.39 18.85
C ILE A 72 -12.13 -4.39 19.19
N ARG A 73 -11.67 -4.38 20.45
CA ARG A 73 -10.67 -5.34 20.91
C ARG A 73 -11.21 -6.21 22.04
N PHE A 74 -11.17 -7.53 21.83
CA PHE A 74 -11.78 -8.48 22.74
C PHE A 74 -10.80 -9.58 23.18
N GLU A 75 -11.20 -10.30 24.23
CA GLU A 75 -10.43 -11.40 24.79
C GLU A 75 -11.22 -12.70 24.73
N THR A 76 -10.48 -13.80 24.56
CA THR A 76 -11.09 -15.13 24.53
C THR A 76 -10.36 -16.06 25.48
N GLU A 77 -10.90 -17.26 25.67
CA GLU A 77 -10.24 -18.28 26.45
C GLU A 77 -9.25 -19.00 25.55
N PRO A 78 -8.09 -19.39 26.08
CA PRO A 78 -7.05 -20.01 25.24
C PRO A 78 -7.52 -21.35 24.66
N SER A 79 -7.56 -21.43 23.33
CA SER A 79 -8.02 -22.63 22.65
C SER A 79 -6.92 -23.27 21.82
N GLU A 80 -6.91 -24.60 21.81
CA GLU A 80 -5.94 -25.37 21.03
C GLU A 80 -6.18 -25.18 19.53
N HIS A 81 -7.42 -24.85 19.17
CA HIS A 81 -7.79 -24.68 17.77
C HIS A 81 -7.79 -23.21 17.37
N TRP A 82 -7.83 -22.96 16.06
CA TRP A 82 -8.02 -21.61 15.54
C TRP A 82 -9.38 -21.10 15.97
N GLN A 83 -9.54 -19.78 16.03
CA GLN A 83 -10.84 -19.19 16.32
C GLN A 83 -11.21 -18.11 15.32
N LEU A 84 -12.43 -18.20 14.79
CA LEU A 84 -12.97 -17.21 13.86
C LEU A 84 -14.02 -16.36 14.53
N PHE A 85 -13.95 -15.05 14.28
CA PHE A 85 -14.89 -14.09 14.85
C PHE A 85 -15.45 -13.18 13.79
N ILE A 86 -16.74 -12.88 13.88
CA ILE A 86 -17.41 -11.98 12.93
C ILE A 86 -18.33 -10.99 13.63
N LEU A 87 -18.53 -9.85 12.98
CA LEU A 87 -19.48 -8.83 13.44
C LEU A 87 -20.72 -8.82 12.55
N MET A 88 -21.89 -8.93 13.17
CA MET A 88 -23.15 -9.07 12.44
C MET A 88 -24.09 -7.88 12.61
N GLU A 89 -24.58 -7.41 11.47
CA GLU A 89 -25.50 -6.28 11.38
C GLU A 89 -26.87 -6.75 10.91
N HIS A 90 -27.87 -5.87 10.94
CA HIS A 90 -29.20 -6.19 10.44
C HIS A 90 -29.27 -6.16 8.92
N ASP A 91 -28.86 -5.04 8.33
CA ASP A 91 -28.95 -4.83 6.89
C ASP A 91 -28.21 -5.90 6.12
N ASN A 92 -26.94 -6.11 6.46
CA ASN A 92 -26.12 -7.14 5.83
C ASN A 92 -26.04 -6.99 4.32
N PHE A 93 -25.34 -5.94 3.87
CA PHE A 93 -25.15 -5.70 2.44
C PHE A 93 -23.66 -5.72 2.13
N ASP A 94 -22.91 -4.96 2.91
CA ASP A 94 -21.45 -4.88 2.77
C ASP A 94 -20.78 -6.16 3.24
N PRO A 95 -19.51 -6.37 2.82
CA PRO A 95 -18.73 -7.50 3.32
C PRO A 95 -18.64 -7.50 4.84
N ILE A 96 -18.62 -8.70 5.41
CA ILE A 96 -18.70 -8.86 6.87
C ILE A 96 -17.34 -8.68 7.55
N PRO A 97 -17.26 -7.77 8.55
CA PRO A 97 -16.04 -7.67 9.33
C PRO A 97 -15.75 -8.96 10.08
N PHE A 98 -14.48 -9.37 10.10
CA PHE A 98 -14.10 -10.62 10.78
C PHE A 98 -12.66 -10.60 11.25
N THR A 99 -12.32 -11.54 12.12
CA THR A 99 -10.93 -11.74 12.55
C THR A 99 -10.68 -13.17 12.97
N LEU A 100 -9.47 -13.64 12.72
CA LEU A 100 -9.06 -15.00 13.04
C LEU A 100 -8.01 -15.04 14.13
N ILE A 101 -8.40 -15.50 15.32
CA ILE A 101 -7.46 -15.63 16.42
C ILE A 101 -6.69 -16.95 16.31
N GLU A 102 -5.37 -16.83 16.23
CA GLU A 102 -4.46 -17.96 16.22
C GLU A 102 -4.56 -18.72 17.54
N PRO A 103 -4.40 -20.06 17.51
CA PRO A 103 -4.49 -20.84 18.75
C PRO A 103 -3.56 -20.36 19.86
N ASN A 104 -3.91 -20.68 21.11
CA ASN A 104 -3.15 -20.28 22.30
C ASN A 104 -3.22 -18.78 22.58
N ASN A 105 -3.18 -17.94 21.54
CA ASN A 105 -3.39 -16.51 21.72
C ASN A 105 -4.84 -16.27 22.13
N VAL A 106 -5.08 -15.18 22.84
CA VAL A 106 -6.39 -14.93 23.46
C VAL A 106 -7.01 -13.58 23.12
N PHE A 107 -6.18 -12.64 22.65
CA PHE A 107 -6.65 -11.30 22.32
C PHE A 107 -6.89 -11.14 20.83
N GLY A 108 -7.94 -10.42 20.46
CA GLY A 108 -8.24 -10.18 19.07
C GLY A 108 -8.91 -8.84 18.81
N GLU A 109 -8.93 -8.43 17.55
CA GLU A 109 -9.51 -7.13 17.15
C GLU A 109 -10.40 -7.24 15.92
N LEU A 110 -11.48 -6.46 15.93
CA LEU A 110 -12.43 -6.37 14.83
C LEU A 110 -12.67 -4.91 14.44
N ILE A 111 -12.55 -4.63 13.15
CA ILE A 111 -12.67 -3.25 12.65
C ILE A 111 -14.12 -2.92 12.36
N THR A 112 -14.51 -1.67 12.61
CA THR A 112 -15.87 -1.22 12.38
C THR A 112 -15.96 -0.17 11.26
N THR A 113 -17.05 -0.23 10.52
CA THR A 113 -17.33 0.73 9.45
C THR A 113 -18.60 1.50 9.79
N ALA A 114 -18.45 2.81 9.98
CA ALA A 114 -19.57 3.69 10.33
C ALA A 114 -20.20 3.35 11.67
N ASN A 115 -21.08 4.23 12.14
CA ASN A 115 -21.79 4.05 13.40
C ASN A 115 -22.95 3.08 13.28
N LYS A 116 -22.67 1.80 13.50
CA LYS A 116 -23.70 0.76 13.40
C LYS A 116 -23.59 -0.21 14.57
N GLU A 117 -24.74 -0.74 14.99
CA GLU A 117 -24.76 -1.82 15.97
C GLU A 117 -24.36 -3.12 15.30
N TYR A 118 -23.48 -3.87 15.97
CA TYR A 118 -23.08 -5.18 15.49
C TYR A 118 -23.24 -6.21 16.60
N GLN A 119 -23.25 -7.49 16.21
CA GLN A 119 -23.18 -8.56 17.19
C GLN A 119 -22.02 -9.49 16.87
N ILE A 120 -21.23 -9.79 17.89
CA ILE A 120 -20.06 -10.66 17.71
C ILE A 120 -20.50 -12.11 17.68
N TRP A 121 -19.94 -12.88 16.74
CA TRP A 121 -20.16 -14.31 16.68
C TRP A 121 -18.82 -15.04 16.51
N SER A 122 -18.63 -16.08 17.33
CA SER A 122 -17.36 -16.79 17.38
C SER A 122 -17.47 -18.25 16.92
N THR A 123 -16.35 -18.80 16.44
CA THR A 123 -16.29 -20.19 16.02
C THR A 123 -14.91 -20.79 16.24
N TYR A 124 -14.86 -22.10 16.48
CA TYR A 124 -13.60 -22.85 16.50
C TYR A 124 -13.40 -23.59 15.19
N LEU A 125 -12.22 -23.44 14.60
CA LEU A 125 -11.90 -24.04 13.32
C LEU A 125 -11.23 -25.40 13.47
N ASP A 126 -11.53 -26.31 12.54
CA ASP A 126 -10.91 -27.63 12.51
C ASP A 126 -9.52 -27.53 11.89
N GLU A 127 -8.83 -28.66 11.81
CA GLU A 127 -7.52 -28.73 11.17
C GLU A 127 -7.67 -28.39 9.69
N TYR A 128 -8.81 -28.78 9.11
CA TYR A 128 -9.06 -28.56 7.69
C TYR A 128 -9.84 -27.26 7.46
N GLY A 129 -10.33 -26.69 8.55
CA GLY A 129 -11.02 -25.41 8.50
C GLY A 129 -12.51 -25.59 8.56
N THR A 130 -12.95 -26.69 9.16
CA THR A 130 -14.37 -26.96 9.32
C THR A 130 -14.93 -26.10 10.45
N LEU A 131 -15.97 -25.34 10.13
CA LEU A 131 -16.61 -24.44 11.08
C LEU A 131 -17.67 -25.16 11.90
N GLN A 132 -17.48 -25.21 13.21
CA GLN A 132 -18.53 -25.72 14.08
C GLN A 132 -19.53 -24.59 14.33
N ASP A 133 -20.71 -24.94 14.82
CA ASP A 133 -21.83 -24.02 14.92
C ASP A 133 -21.49 -22.71 15.66
N TRP A 134 -22.03 -21.62 15.16
CA TRP A 134 -21.77 -20.29 15.71
C TRP A 134 -22.26 -20.15 17.15
N MET A 135 -21.54 -19.37 17.94
CA MET A 135 -21.91 -19.10 19.32
C MET A 135 -22.23 -17.61 19.49
N GLU A 136 -23.38 -17.34 20.09
CA GLU A 136 -23.88 -15.98 20.23
C GLU A 136 -23.03 -15.18 21.22
N GLY A 137 -22.56 -14.01 20.78
CA GLY A 137 -21.73 -13.15 21.59
C GLY A 137 -22.48 -11.93 22.07
N PRO A 138 -21.74 -10.90 22.53
CA PRO A 138 -22.37 -9.67 23.01
C PRO A 138 -22.66 -8.67 21.89
N ILE A 139 -23.31 -7.57 22.25
CA ILE A 139 -23.71 -6.55 21.27
C ILE A 139 -22.75 -5.36 21.32
N VAL A 140 -22.52 -4.75 20.18
CA VAL A 140 -21.66 -3.57 20.06
C VAL A 140 -22.52 -2.35 19.72
N LEU A 141 -22.06 -1.17 20.13
CA LEU A 141 -22.79 0.07 19.89
C LEU A 141 -21.87 1.17 19.36
N TYR A 155 -8.09 12.95 31.88
CA TYR A 155 -8.38 13.39 30.52
C TYR A 155 -7.10 13.40 29.68
N ASN A 156 -5.95 13.28 30.34
CA ASN A 156 -4.66 13.27 29.67
C ASN A 156 -3.59 12.47 30.42
N VAL A 157 -3.05 11.44 29.77
CA VAL A 157 -2.06 10.58 30.41
C VAL A 157 -0.71 11.29 30.55
N THR A 158 -0.05 11.06 31.68
CA THR A 158 1.26 11.66 31.95
C THR A 158 2.32 10.57 31.97
N GLN A 159 3.38 10.78 31.20
CA GLN A 159 4.32 9.72 30.88
C GLN A 159 5.68 9.89 31.55
N GLU A 160 6.17 8.81 32.16
CA GLU A 160 7.53 8.76 32.65
C GLU A 160 8.32 7.83 31.75
N PHE A 161 9.63 7.99 31.72
CA PHE A 161 10.48 7.24 30.81
C PHE A 161 11.88 7.03 31.39
N LYS A 162 12.50 5.92 31.01
CA LYS A 162 13.85 5.60 31.44
C LYS A 162 14.67 5.12 30.26
N TYR A 163 15.97 5.37 30.31
CA TYR A 163 16.87 4.99 29.24
C TYR A 163 18.03 4.15 29.75
N ILE A 164 18.56 3.31 28.88
CA ILE A 164 19.72 2.50 29.20
C ILE A 164 20.64 2.45 27.98
N ILE A 165 21.89 2.86 28.19
CA ILE A 165 22.90 2.81 27.16
C ILE A 165 23.60 1.45 27.21
N LEU A 166 23.94 0.93 26.04
CA LEU A 166 24.56 -0.38 25.91
C LEU A 166 25.76 -0.32 24.98
N GLY A 167 26.78 -1.09 25.31
CA GLY A 167 28.04 -1.08 24.58
C GLY A 167 28.25 -2.34 23.77
N ASN A 168 28.49 -2.15 22.48
CA ASN A 168 28.83 -3.22 21.56
C ASN A 168 29.61 -2.68 20.36
N ASP A 169 30.94 -2.67 20.48
CA ASP A 169 31.82 -2.02 19.52
C ASP A 169 31.56 -0.51 19.56
N SER A 170 30.38 -0.11 19.11
CA SER A 170 29.87 1.24 19.29
C SER A 170 28.91 1.21 20.47
N TYR A 171 28.05 2.21 20.59
CA TYR A 171 27.07 2.25 21.68
C TYR A 171 25.65 2.51 21.18
N THR A 172 24.66 1.94 21.88
CA THR A 172 23.24 2.08 21.51
C THR A 172 22.36 2.34 22.72
N ILE A 173 21.32 3.16 22.52
CA ILE A 173 20.40 3.54 23.58
C ILE A 173 19.04 2.85 23.45
N ASN A 174 18.61 2.21 24.53
CA ASN A 174 17.26 1.65 24.62
C ASN A 174 16.43 2.42 25.63
N GLY A 175 15.21 2.79 25.25
CA GLY A 175 14.35 3.62 26.07
C GLY A 175 13.00 3.01 26.36
N LYS A 176 12.67 2.89 27.64
CA LYS A 176 11.39 2.32 28.07
C LYS A 176 10.47 3.40 28.60
N PHE A 177 9.19 3.33 28.21
CA PHE A 177 8.21 4.36 28.50
C PHE A 177 7.01 3.79 29.24
N VAL A 178 6.49 4.56 30.20
CA VAL A 178 5.35 4.15 31.01
C VAL A 178 4.49 5.37 31.34
N TRP A 179 3.20 5.17 31.56
CA TRP A 179 2.31 6.25 31.95
C TRP A 179 1.18 5.77 32.84
N ASN A 180 0.57 6.69 33.59
CA ASN A 180 -0.48 6.34 34.54
C ASN A 180 -1.81 6.04 33.87
N THR A 181 -2.61 5.21 34.54
CA THR A 181 -3.90 4.79 34.04
C THR A 181 -5.02 5.38 34.89
N THR A 182 -6.19 5.53 34.29
CA THR A 182 -7.37 6.02 35.00
C THR A 182 -7.89 4.97 35.97
N GLY A 183 -9.00 5.28 36.64
CA GLY A 183 -9.60 4.37 37.59
C GLY A 183 -10.18 3.14 36.92
N ASP A 184 -10.63 3.30 35.68
CA ASP A 184 -11.24 2.20 34.94
C ASP A 184 -10.22 1.10 34.65
N ARG A 185 -10.74 -0.11 34.40
CA ARG A 185 -9.89 -1.27 34.13
C ARG A 185 -9.78 -1.51 32.63
N ASP A 186 -10.89 -1.30 31.92
CA ASP A 186 -10.96 -1.57 30.49
C ASP A 186 -10.26 -0.50 29.66
N LEU A 187 -8.96 -0.64 29.47
CA LEU A 187 -8.18 0.33 28.70
C LEU A 187 -7.13 -0.33 27.80
N CYS A 188 -7.27 -0.08 26.49
CA CYS A 188 -6.25 -0.45 25.51
C CYS A 188 -5.56 0.82 25.04
N PHE A 189 -4.44 0.68 24.31
CA PHE A 189 -3.70 1.86 23.85
C PHE A 189 -3.06 1.68 22.47
N ASP A 190 -2.80 2.82 21.82
CA ASP A 190 -2.07 2.88 20.55
C ASP A 190 -0.92 3.86 20.65
N ILE A 191 0.30 3.38 20.37
CA ILE A 191 1.50 4.18 20.58
C ILE A 191 2.24 4.49 19.28
N ALA A 192 2.67 5.73 19.15
CA ALA A 192 3.53 6.15 18.04
C ALA A 192 4.72 6.94 18.58
N ASN A 193 5.91 6.62 18.09
CA ASN A 193 7.13 7.30 18.54
C ASN A 193 8.07 7.63 17.40
N ILE A 194 8.63 8.84 17.44
CA ILE A 194 9.56 9.29 16.41
C ILE A 194 10.66 10.17 17.02
N CYS A 195 11.84 10.13 16.40
CA CYS A 195 12.97 10.96 16.82
C CYS A 195 13.62 11.64 15.63
N GLN A 196 14.38 12.70 15.89
CA GLN A 196 15.03 13.48 14.84
C GLN A 196 16.02 12.65 14.03
N ASN A 197 16.59 11.61 14.65
CA ASN A 197 17.59 10.77 14.00
C ASN A 197 17.35 9.29 14.23
N THR A 198 16.08 8.89 14.32
CA THR A 198 15.72 7.48 14.39
C THR A 198 14.39 7.27 13.67
N ASN A 199 14.29 6.20 12.90
CA ASN A 199 13.09 5.90 12.16
C ASN A 199 11.90 5.60 13.06
N MET A 200 10.72 5.94 12.58
CA MET A 200 9.48 5.83 13.34
C MET A 200 9.23 4.44 13.89
N LYS A 201 8.58 4.37 15.05
CA LYS A 201 8.13 3.11 15.61
C LYS A 201 6.72 3.23 16.16
N HIS A 202 5.88 2.25 15.85
CA HIS A 202 4.47 2.28 16.26
C HIS A 202 4.07 0.93 16.84
N ALA A 203 3.14 0.95 17.79
CA ALA A 203 2.68 -0.28 18.44
C ALA A 203 1.25 -0.16 18.93
N LYS A 204 0.65 -1.31 19.24
CA LYS A 204 -0.73 -1.38 19.73
C LYS A 204 -0.79 -2.23 21.00
N ILE A 205 -1.10 -1.58 22.12
CA ILE A 205 -1.10 -2.24 23.41
C ILE A 205 -2.48 -2.76 23.80
N TRP A 206 -2.58 -4.08 23.91
CA TRP A 206 -3.77 -4.76 24.39
C TRP A 206 -3.98 -4.42 25.87
N PRO A 207 -5.17 -4.72 26.42
CA PRO A 207 -5.39 -4.24 27.79
C PRO A 207 -4.53 -4.96 28.83
N THR A 208 -3.68 -4.19 29.52
CA THR A 208 -2.83 -4.73 30.57
C THR A 208 -3.08 -4.01 31.89
N ALA A 209 -2.54 -4.56 32.97
CA ALA A 209 -2.66 -3.94 34.28
C ALA A 209 -1.92 -2.61 34.29
N HIS A 210 -0.74 -2.59 33.66
CA HIS A 210 0.06 -1.38 33.55
C HIS A 210 0.76 -1.36 32.20
N PRO A 211 0.42 -0.39 31.33
CA PRO A 211 1.01 -0.37 30.00
C PRO A 211 2.47 0.05 30.00
N SER A 212 3.23 -0.46 29.03
CA SER A 212 4.64 -0.12 28.90
C SER A 212 5.04 -0.19 27.44
N PHE A 213 5.93 0.70 27.02
CA PHE A 213 6.37 0.76 25.63
C PHE A 213 7.89 0.85 25.53
N ASP A 214 8.48 -0.11 24.83
CA ASP A 214 9.93 -0.15 24.64
C ASP A 214 10.32 0.56 23.36
N VAL A 215 11.50 1.18 23.37
CA VAL A 215 12.06 1.82 22.18
C VAL A 215 13.53 1.46 22.06
N GLU A 216 13.99 1.31 20.82
CA GLU A 216 15.37 0.94 20.56
C GLU A 216 15.99 1.82 19.48
N ASN A 217 17.29 1.67 19.30
CA ASN A 217 18.04 2.39 18.28
C ASN A 217 18.02 3.91 18.49
N LEU A 218 17.82 4.33 19.73
CA LEU A 218 17.89 5.75 20.09
C LEU A 218 19.34 6.20 20.14
N VAL A 219 19.54 7.52 20.13
CA VAL A 219 20.88 8.09 20.21
C VAL A 219 20.92 9.24 21.21
N LEU A 220 22.13 9.69 21.55
CA LEU A 220 22.32 10.74 22.55
C LEU A 220 21.91 12.12 22.03
N ASN A 221 21.35 12.92 22.92
CA ASN A 221 21.01 14.31 22.62
C ASN A 221 20.07 14.46 21.43
N ASP A 222 19.10 13.56 21.33
CA ASP A 222 18.13 13.58 20.24
C ASP A 222 16.79 14.10 20.73
N GLU A 223 16.18 14.99 19.95
CA GLU A 223 14.89 15.57 20.30
C GLU A 223 13.76 14.69 19.75
N CYS A 224 13.15 13.90 20.63
CA CYS A 224 12.12 12.94 20.24
C CYS A 224 10.71 13.40 20.58
N GLU A 225 9.73 12.66 20.07
CA GLU A 225 8.32 12.88 20.39
C GLU A 225 7.55 11.57 20.31
N ILE A 226 6.63 11.39 21.25
CA ILE A 226 5.81 10.19 21.33
C ILE A 226 4.34 10.55 21.53
N HIS A 227 3.48 9.93 20.72
CA HIS A 227 2.04 10.10 20.85
C HIS A 227 1.42 8.84 21.46
N VAL A 228 0.62 9.05 22.51
CA VAL A 228 -0.10 7.96 23.16
C VAL A 228 -1.61 8.15 23.01
N LYS A 229 -2.22 7.29 22.21
CA LYS A 229 -3.67 7.30 22.01
C LYS A 229 -4.33 6.31 22.96
N GLY A 230 -5.30 6.80 23.73
CA GLY A 230 -6.03 5.97 24.67
C GLY A 230 -7.49 6.36 24.77
N ILE A 231 -8.17 5.79 25.75
CA ILE A 231 -9.61 6.04 25.96
C ILE A 231 -9.89 7.54 26.14
N HIS A 232 -8.92 8.24 26.71
CA HIS A 232 -9.08 9.67 26.99
C HIS A 232 -8.59 10.53 25.83
N GLY A 233 -8.25 9.87 24.72
CA GLY A 233 -7.83 10.57 23.52
C GLY A 233 -6.34 10.48 23.28
N THR A 234 -5.83 11.38 22.44
CA THR A 234 -4.42 11.40 22.09
C THR A 234 -3.62 12.29 23.03
N THR A 235 -2.46 11.80 23.45
CA THR A 235 -1.54 12.59 24.25
C THR A 235 -0.19 12.67 23.54
N LYS A 236 0.09 13.83 22.97
CA LYS A 236 1.37 14.08 22.32
C LYS A 236 2.38 14.50 23.39
N HIS A 237 3.54 13.86 23.38
CA HIS A 237 4.53 14.03 24.43
C HIS A 237 5.94 14.14 23.87
N LYS A 238 6.45 15.37 23.82
CA LYS A 238 7.82 15.60 23.38
C LYS A 238 8.80 15.22 24.49
N TYR A 239 9.97 14.76 24.09
CA TYR A 239 11.01 14.41 25.06
C TYR A 239 12.37 14.30 24.38
N LYS A 240 13.42 14.63 25.11
CA LYS A 240 14.78 14.61 24.58
C LYS A 240 15.60 13.51 25.24
N THR A 241 16.35 12.77 24.44
CA THR A 241 17.19 11.70 24.98
C THR A 241 18.38 12.31 25.72
N PRO A 242 18.76 11.70 26.86
CA PRO A 242 19.78 12.30 27.74
C PRO A 242 21.16 12.40 27.09
N SER A 243 22.02 13.21 27.68
CA SER A 243 23.39 13.34 27.23
C SER A 243 24.25 12.22 27.82
N CYS A 244 25.53 12.21 27.46
CA CYS A 244 26.43 11.15 27.91
C CYS A 244 26.76 11.31 29.39
N PHE A 245 26.90 12.56 29.85
CA PHE A 245 27.25 12.81 31.25
C PHE A 245 26.08 12.46 32.17
N GLU A 246 24.89 12.31 31.58
CA GLU A 246 23.70 11.95 32.34
C GLU A 246 23.58 10.44 32.49
N LEU A 247 24.25 9.70 31.61
CA LEU A 247 24.27 8.24 31.65
C LEU A 247 25.61 7.74 32.18
N PRO A 248 25.65 7.30 33.45
CA PRO A 248 26.91 6.92 34.11
C PRO A 248 27.82 6.02 33.29
N GLU A 249 27.26 4.99 32.67
CA GLU A 249 28.05 4.03 31.91
C GLU A 249 28.59 4.67 30.62
N CYS A 250 27.94 5.74 30.17
CA CYS A 250 28.43 6.48 29.01
C CYS A 250 29.59 7.37 29.42
N PHE A 251 29.37 8.14 30.48
CA PHE A 251 30.35 9.10 30.97
C PHE A 251 31.63 8.40 31.42
N LEU A 252 31.48 7.32 32.16
CA LEU A 252 32.62 6.57 32.67
C LEU A 252 33.45 5.92 31.56
N ASN A 253 32.76 5.33 30.58
CA ASN A 253 33.45 4.63 29.51
C ASN A 253 33.80 5.57 28.34
N ASN A 254 33.91 6.86 28.66
CA ASN A 254 34.39 7.85 27.71
C ASN A 254 35.22 8.91 28.41
N MET A 255 35.88 9.76 27.63
CA MET A 255 36.69 10.83 28.20
C MET A 255 35.77 11.86 28.85
N GLU A 256 36.26 12.50 29.91
CA GLU A 256 35.40 13.29 30.79
C GLU A 256 35.87 14.74 30.90
N PRO A 257 35.41 15.61 29.99
CA PRO A 257 35.69 17.04 30.11
C PRO A 257 35.07 17.64 31.37
N VAL B 12 5.98 -32.44 -27.92
CA VAL B 12 4.63 -31.93 -28.09
C VAL B 12 4.28 -30.96 -26.96
N SER B 13 3.41 -30.00 -27.25
CA SER B 13 2.98 -29.03 -26.25
C SER B 13 1.97 -29.64 -25.30
N GLN B 14 1.77 -28.96 -24.16
CA GLN B 14 0.84 -29.41 -23.13
C GLN B 14 -0.41 -28.55 -23.07
N ARG B 15 -1.33 -28.93 -22.18
CA ARG B 15 -2.55 -28.15 -21.92
C ARG B 15 -2.87 -28.15 -20.43
N TYR B 16 -3.44 -27.03 -19.96
CA TYR B 16 -3.75 -26.87 -18.54
C TYR B 16 -5.21 -26.45 -18.37
N PRO B 17 -6.11 -27.44 -18.20
CA PRO B 17 -7.54 -27.15 -18.07
C PRO B 17 -7.90 -26.41 -16.78
N PRO B 18 -9.03 -25.69 -16.76
CA PRO B 18 -9.41 -24.98 -15.53
C PRO B 18 -9.59 -25.91 -14.35
N ALA B 19 -9.24 -25.42 -13.16
CA ALA B 19 -9.37 -26.19 -11.92
C ALA B 19 -10.40 -25.52 -11.02
N PRO B 20 -11.63 -26.06 -10.99
CA PRO B 20 -12.70 -25.44 -10.18
C PRO B 20 -12.41 -25.49 -8.68
N GLY B 21 -11.70 -26.53 -8.24
CA GLY B 21 -11.38 -26.72 -6.84
C GLY B 21 -10.55 -25.59 -6.28
N LEU B 22 -9.86 -24.88 -7.16
CA LEU B 22 -9.03 -23.74 -6.79
C LEU B 22 -9.69 -22.43 -7.24
N LEU B 23 -10.20 -22.43 -8.46
CA LEU B 23 -10.94 -21.28 -8.99
C LEU B 23 -12.11 -20.91 -8.10
N LYS B 24 -12.62 -21.89 -7.36
CA LYS B 24 -13.69 -21.66 -6.38
C LYS B 24 -13.40 -20.49 -5.44
N TYR B 25 -12.11 -20.17 -5.25
CA TYR B 25 -11.72 -19.17 -4.26
C TYR B 25 -11.60 -17.75 -4.83
N LEU B 26 -11.81 -17.59 -6.13
CA LEU B 26 -11.80 -16.26 -6.75
C LEU B 26 -13.17 -15.59 -6.67
N GLU B 27 -14.14 -16.29 -6.11
CA GLU B 27 -15.51 -15.80 -6.06
C GLU B 27 -15.62 -14.51 -5.24
N GLN B 28 -14.85 -14.41 -4.17
CA GLN B 28 -14.82 -13.19 -3.36
C GLN B 28 -14.36 -12.03 -4.21
N ASP B 29 -13.23 -12.21 -4.89
CA ASP B 29 -12.67 -11.18 -5.76
C ASP B 29 -13.68 -10.76 -6.83
N VAL B 30 -14.18 -11.74 -7.59
CA VAL B 30 -15.11 -11.44 -8.68
C VAL B 30 -16.40 -10.78 -8.18
N CYS B 31 -16.93 -11.28 -7.07
CA CYS B 31 -18.20 -10.77 -6.56
C CYS B 31 -18.03 -9.40 -5.92
N TYR B 32 -16.91 -9.18 -5.23
CA TYR B 32 -16.60 -7.88 -4.67
C TYR B 32 -16.43 -6.86 -5.79
N SER B 33 -15.53 -7.17 -6.72
CA SER B 33 -15.24 -6.27 -7.84
C SER B 33 -16.49 -5.92 -8.66
N LEU B 34 -17.52 -6.74 -8.56
CA LEU B 34 -18.78 -6.51 -9.27
C LEU B 34 -19.84 -5.90 -8.36
N TYR B 35 -19.76 -6.19 -7.07
CA TYR B 35 -20.72 -5.66 -6.10
C TYR B 35 -20.64 -4.15 -5.98
N TYR B 36 -19.41 -3.62 -5.98
CA TYR B 36 -19.20 -2.19 -5.85
C TYR B 36 -19.32 -1.47 -7.20
N TYR B 37 -19.14 -2.22 -8.29
CA TYR B 37 -19.20 -1.65 -9.63
C TYR B 37 -20.65 -1.59 -10.14
N LEU B 38 -21.31 -2.73 -10.15
CA LEU B 38 -22.69 -2.80 -10.63
C LEU B 38 -23.66 -2.34 -9.57
N ASN B 39 -23.15 -2.16 -8.35
CA ASN B 39 -23.94 -1.64 -7.24
C ASN B 39 -25.20 -2.46 -7.00
N TRP B 40 -25.01 -3.67 -6.49
CA TRP B 40 -26.12 -4.53 -6.14
C TRP B 40 -26.69 -4.12 -4.78
N THR B 41 -27.89 -4.60 -4.49
CA THR B 41 -28.52 -4.33 -3.20
C THR B 41 -27.71 -4.97 -2.09
N SER B 42 -27.17 -6.15 -2.37
CA SER B 42 -26.33 -6.87 -1.43
C SER B 42 -25.22 -7.61 -2.16
N LEU B 43 -24.43 -8.38 -1.42
CA LEU B 43 -23.35 -9.17 -1.99
C LEU B 43 -23.82 -10.59 -2.32
N ALA B 44 -24.81 -11.08 -1.57
CA ALA B 44 -25.27 -12.45 -1.70
C ALA B 44 -25.85 -12.77 -3.08
N ASP B 45 -26.38 -11.74 -3.74
CA ASP B 45 -27.04 -11.91 -5.03
C ASP B 45 -26.06 -12.04 -6.20
N CYS B 46 -24.82 -12.40 -5.90
CA CYS B 46 -23.80 -12.56 -6.94
C CYS B 46 -24.01 -13.85 -7.73
N LYS B 47 -24.12 -14.97 -7.02
CA LYS B 47 -24.32 -16.27 -7.65
C LYS B 47 -23.19 -16.64 -8.61
N THR B 48 -21.97 -16.24 -8.27
CA THR B 48 -20.80 -16.63 -9.05
C THR B 48 -20.31 -17.99 -8.56
N ASN B 49 -20.32 -18.99 -9.45
CA ASN B 49 -19.92 -20.33 -9.08
C ASN B 49 -18.94 -20.95 -10.07
N PHE B 50 -17.71 -21.17 -9.63
CA PHE B 50 -16.68 -21.73 -10.48
C PHE B 50 -16.76 -23.26 -10.58
N GLU B 51 -17.45 -23.88 -9.62
CA GLU B 51 -17.56 -25.33 -9.57
C GLU B 51 -18.72 -25.86 -10.40
N GLU B 52 -19.63 -24.97 -10.79
CA GLU B 52 -20.79 -25.34 -11.60
C GLU B 52 -20.63 -24.99 -13.09
N THR B 53 -19.51 -24.36 -13.43
CA THR B 53 -19.27 -23.94 -14.82
C THR B 53 -18.46 -25.00 -15.57
N GLY B 54 -18.75 -25.16 -16.86
CA GLY B 54 -18.15 -26.20 -17.67
C GLY B 54 -17.11 -25.71 -18.67
N ILE B 55 -16.89 -26.51 -19.70
CA ILE B 55 -15.89 -26.21 -20.73
C ILE B 55 -16.46 -26.51 -22.12
N SER B 56 -16.43 -25.53 -23.00
CA SER B 56 -17.03 -25.66 -24.33
C SER B 56 -15.99 -26.02 -25.39
N ASP B 57 -16.48 -26.45 -26.54
CA ASP B 57 -15.62 -26.74 -27.69
C ASP B 57 -15.12 -25.44 -28.28
N VAL B 58 -15.82 -24.35 -27.99
CA VAL B 58 -15.53 -23.04 -28.55
C VAL B 58 -14.10 -22.60 -28.21
N PRO B 59 -13.24 -22.42 -29.23
CA PRO B 59 -11.93 -21.86 -28.95
C PRO B 59 -12.04 -20.38 -28.56
N SER B 60 -11.16 -19.92 -27.67
CA SER B 60 -11.21 -18.54 -27.23
C SER B 60 -10.64 -17.60 -28.29
N THR B 61 -11.20 -16.40 -28.39
CA THR B 61 -10.78 -15.42 -29.38
C THR B 61 -9.61 -14.56 -28.90
N VAL B 62 -9.15 -14.82 -27.68
CA VAL B 62 -8.06 -14.04 -27.09
C VAL B 62 -6.81 -14.09 -27.95
N LYS B 63 -6.04 -13.00 -27.93
CA LYS B 63 -4.76 -12.94 -28.62
C LYS B 63 -3.71 -12.28 -27.74
N VAL B 64 -2.59 -12.95 -27.56
CA VAL B 64 -1.46 -12.40 -26.81
C VAL B 64 -0.75 -11.35 -27.65
N ARG B 65 -0.82 -10.10 -27.22
CA ARG B 65 -0.18 -9.00 -27.94
C ARG B 65 1.22 -8.73 -27.40
N CYS B 66 1.36 -8.75 -26.08
CA CYS B 66 2.65 -8.51 -25.44
C CYS B 66 2.83 -9.46 -24.26
N GLN B 67 4.08 -9.68 -23.87
CA GLN B 67 4.38 -10.38 -22.63
C GLN B 67 5.71 -9.93 -22.05
N SER B 68 5.67 -9.56 -20.77
CA SER B 68 6.87 -9.27 -19.99
C SER B 68 7.17 -10.49 -19.14
N LYS B 69 8.40 -10.60 -18.65
CA LYS B 69 8.81 -11.79 -17.90
C LYS B 69 8.08 -11.89 -16.56
N ASN B 70 7.17 -10.96 -16.30
CA ASN B 70 6.28 -11.03 -15.15
C ASN B 70 4.82 -10.71 -15.50
N SER B 71 4.51 -10.60 -16.78
CA SER B 71 3.14 -10.28 -17.18
C SER B 71 2.83 -10.56 -18.64
N ILE B 72 1.54 -10.53 -18.96
CA ILE B 72 1.06 -10.72 -20.33
C ILE B 72 -0.04 -9.72 -20.62
N ARG B 73 0.05 -9.05 -21.77
CA ARG B 73 -1.00 -8.12 -22.18
C ARG B 73 -1.65 -8.61 -23.46
N PHE B 74 -2.96 -8.81 -23.39
CA PHE B 74 -3.73 -9.41 -24.47
C PHE B 74 -4.92 -8.56 -24.86
N GLU B 75 -5.51 -8.88 -26.00
CA GLU B 75 -6.68 -8.21 -26.50
C GLU B 75 -7.83 -9.20 -26.69
N THR B 76 -9.05 -8.74 -26.48
CA THR B 76 -10.25 -9.55 -26.69
C THR B 76 -11.21 -8.80 -27.60
N GLU B 77 -12.28 -9.47 -28.02
CA GLU B 77 -13.31 -8.83 -28.82
C GLU B 77 -14.30 -8.11 -27.91
N PRO B 78 -14.79 -6.94 -28.35
CA PRO B 78 -15.69 -6.13 -27.52
C PRO B 78 -17.00 -6.85 -27.20
N SER B 79 -17.26 -7.06 -25.92
CA SER B 79 -18.47 -7.74 -25.49
C SER B 79 -19.34 -6.82 -24.64
N GLU B 80 -20.66 -6.95 -24.80
CA GLU B 80 -21.60 -6.17 -24.02
C GLU B 80 -21.52 -6.57 -22.55
N HIS B 81 -21.07 -7.80 -22.31
CA HIS B 81 -20.98 -8.35 -20.96
C HIS B 81 -19.56 -8.23 -20.41
N TRP B 82 -19.43 -8.44 -19.10
CA TRP B 82 -18.12 -8.51 -18.46
C TRP B 82 -17.35 -9.72 -18.99
N GLN B 83 -16.02 -9.66 -18.91
CA GLN B 83 -15.20 -10.81 -19.29
C GLN B 83 -14.17 -11.17 -18.21
N LEU B 84 -14.11 -12.45 -17.88
CA LEU B 84 -13.14 -12.96 -16.90
C LEU B 84 -12.07 -13.79 -17.59
N PHE B 85 -10.82 -13.57 -17.20
CA PHE B 85 -9.68 -14.28 -17.76
C PHE B 85 -8.78 -14.84 -16.67
N ILE B 86 -8.28 -16.06 -16.87
CA ILE B 86 -7.39 -16.70 -15.92
C ILE B 86 -6.20 -17.39 -16.59
N LEU B 87 -5.10 -17.51 -15.85
CA LEU B 87 -3.92 -18.24 -16.29
C LEU B 87 -3.83 -19.58 -15.56
N MET B 88 -3.71 -20.66 -16.32
CA MET B 88 -3.74 -22.00 -15.75
C MET B 88 -2.42 -22.74 -15.90
N GLU B 89 -1.96 -23.29 -14.78
CA GLU B 89 -0.71 -24.04 -14.70
C GLU B 89 -1.07 -25.50 -14.37
N HIS B 90 -0.10 -26.39 -14.43
CA HIS B 90 -0.33 -27.78 -14.05
C HIS B 90 -0.39 -27.93 -12.52
N ASP B 91 0.65 -27.49 -11.84
CA ASP B 91 0.76 -27.65 -10.39
C ASP B 91 -0.37 -26.92 -9.65
N ASN B 92 -0.51 -25.63 -9.92
CA ASN B 92 -1.56 -24.81 -9.32
C ASN B 92 -1.54 -24.85 -7.80
N PHE B 93 -0.54 -24.19 -7.21
CA PHE B 93 -0.41 -24.11 -5.76
C PHE B 93 -0.52 -22.65 -5.33
N ASP B 94 0.21 -21.79 -6.04
CA ASP B 94 0.16 -20.36 -5.78
C ASP B 94 -1.21 -19.85 -6.23
N PRO B 95 -1.61 -18.65 -5.75
CA PRO B 95 -2.88 -18.08 -6.19
C PRO B 95 -2.96 -17.95 -7.71
N ILE B 96 -4.17 -18.13 -8.25
CA ILE B 96 -4.35 -18.18 -9.70
C ILE B 96 -4.40 -16.75 -10.27
N PRO B 97 -3.52 -16.44 -11.23
CA PRO B 97 -3.62 -15.13 -11.88
C PRO B 97 -4.94 -14.98 -12.63
N PHE B 98 -5.54 -13.79 -12.56
CA PHE B 98 -6.79 -13.54 -13.26
C PHE B 98 -6.95 -12.06 -13.55
N THR B 99 -7.88 -11.75 -14.46
CA THR B 99 -8.24 -10.37 -14.73
C THR B 99 -9.66 -10.26 -15.25
N LEU B 100 -10.33 -9.18 -14.88
CA LEU B 100 -11.71 -8.93 -15.28
C LEU B 100 -11.80 -7.76 -16.25
N ILE B 101 -12.07 -8.05 -17.51
CA ILE B 101 -12.25 -6.99 -18.50
C ILE B 101 -13.67 -6.45 -18.43
N GLU B 102 -13.75 -5.16 -18.14
CA GLU B 102 -15.01 -4.41 -18.14
C GLU B 102 -15.60 -4.43 -19.54
N PRO B 103 -16.95 -4.47 -19.66
CA PRO B 103 -17.58 -4.51 -20.98
C PRO B 103 -17.11 -3.38 -21.91
N ASN B 104 -17.22 -3.61 -23.22
CA ASN B 104 -16.82 -2.65 -24.25
C ASN B 104 -15.29 -2.49 -24.37
N ASN B 105 -14.59 -2.50 -23.25
CA ASN B 105 -13.12 -2.48 -23.28
C ASN B 105 -12.60 -3.79 -23.87
N VAL B 106 -11.40 -3.74 -24.46
CA VAL B 106 -10.88 -4.88 -25.22
C VAL B 106 -9.47 -5.32 -24.83
N PHE B 107 -8.74 -4.47 -24.11
CA PHE B 107 -7.39 -4.81 -23.69
C PHE B 107 -7.35 -5.27 -22.24
N GLY B 108 -6.52 -6.25 -21.95
CA GLY B 108 -6.39 -6.77 -20.60
C GLY B 108 -4.98 -7.27 -20.30
N GLU B 109 -4.70 -7.45 -19.01
CA GLU B 109 -3.39 -7.91 -18.57
C GLU B 109 -3.50 -9.01 -17.51
N LEU B 110 -2.58 -9.96 -17.58
CA LEU B 110 -2.50 -11.05 -16.63
C LEU B 110 -1.07 -11.15 -16.08
N ILE B 111 -0.97 -11.22 -14.76
CA ILE B 111 0.33 -11.18 -14.08
C ILE B 111 0.95 -12.57 -13.93
N THR B 112 2.26 -12.62 -14.08
CA THR B 112 3.05 -13.83 -13.91
C THR B 112 3.99 -13.60 -12.72
N THR B 113 4.30 -14.67 -11.99
CA THR B 113 5.20 -14.56 -10.85
C THR B 113 6.52 -15.32 -11.07
N ALA B 114 6.42 -16.51 -11.65
CA ALA B 114 7.61 -17.34 -11.89
C ALA B 114 7.73 -17.74 -13.36
N ASN B 115 8.88 -18.31 -13.71
CA ASN B 115 9.10 -18.80 -15.06
C ASN B 115 8.37 -20.12 -15.25
N LYS B 116 7.10 -20.01 -15.60
CA LYS B 116 6.24 -21.18 -15.76
C LYS B 116 5.37 -21.04 -17.01
N GLU B 117 5.05 -22.17 -17.63
CA GLU B 117 4.06 -22.18 -18.70
C GLU B 117 2.67 -22.05 -18.11
N TYR B 118 1.86 -21.19 -18.73
CA TYR B 118 0.47 -21.03 -18.34
C TYR B 118 -0.41 -21.18 -19.57
N GLN B 119 -1.70 -21.42 -19.36
CA GLN B 119 -2.67 -21.36 -20.43
C GLN B 119 -3.81 -20.42 -20.07
N ILE B 120 -4.14 -19.52 -20.99
CA ILE B 120 -5.20 -18.55 -20.76
C ILE B 120 -6.56 -19.22 -20.94
N TRP B 121 -7.49 -18.90 -20.03
CA TRP B 121 -8.87 -19.34 -20.16
C TRP B 121 -9.80 -18.15 -19.93
N SER B 122 -10.77 -18.00 -20.83
CA SER B 122 -11.64 -16.83 -20.86
C SER B 122 -13.10 -17.20 -20.59
N THR B 123 -13.85 -16.24 -20.06
CA THR B 123 -15.28 -16.43 -19.82
C THR B 123 -16.04 -15.13 -19.95
N TYR B 124 -17.30 -15.22 -20.36
CA TYR B 124 -18.21 -14.09 -20.37
C TYR B 124 -19.09 -14.17 -19.13
N LEU B 125 -19.19 -13.06 -18.40
CA LEU B 125 -19.95 -13.03 -17.15
C LEU B 125 -21.38 -12.56 -17.38
N ASP B 126 -22.31 -13.08 -16.57
CA ASP B 126 -23.71 -12.68 -16.63
C ASP B 126 -23.88 -11.35 -15.92
N GLU B 127 -25.11 -10.85 -15.87
CA GLU B 127 -25.39 -9.60 -15.18
C GLU B 127 -25.02 -9.72 -13.70
N TYR B 128 -25.26 -10.91 -13.13
CA TYR B 128 -24.93 -11.17 -11.74
C TYR B 128 -23.57 -11.85 -11.59
N GLY B 129 -23.00 -12.30 -12.70
CA GLY B 129 -21.67 -12.89 -12.69
C GLY B 129 -21.67 -14.41 -12.82
N THR B 130 -22.68 -14.94 -13.49
CA THR B 130 -22.74 -16.37 -13.77
C THR B 130 -21.75 -16.71 -14.87
N LEU B 131 -20.88 -17.67 -14.60
CA LEU B 131 -19.84 -18.06 -15.55
C LEU B 131 -20.33 -19.09 -16.55
N GLN B 132 -20.31 -18.72 -17.83
CA GLN B 132 -20.60 -19.67 -18.89
C GLN B 132 -19.31 -20.46 -19.17
N ASP B 133 -19.45 -21.57 -19.88
CA ASP B 133 -18.37 -22.55 -20.02
C ASP B 133 -17.05 -21.96 -20.51
N TRP B 134 -15.96 -22.44 -19.94
CA TRP B 134 -14.62 -21.94 -20.27
C TRP B 134 -14.25 -22.20 -21.72
N MET B 135 -13.49 -21.28 -22.30
CA MET B 135 -13.00 -21.41 -23.67
C MET B 135 -11.48 -21.51 -23.67
N GLU B 136 -10.95 -22.52 -24.34
CA GLU B 136 -9.51 -22.76 -24.35
C GLU B 136 -8.78 -21.68 -25.15
N GLY B 137 -7.78 -21.08 -24.52
CA GLY B 137 -7.00 -20.02 -25.11
C GLY B 137 -5.61 -20.49 -25.52
N PRO B 138 -4.68 -19.54 -25.73
CA PRO B 138 -3.32 -19.91 -26.12
C PRO B 138 -2.42 -20.19 -24.93
N ILE B 139 -1.19 -20.60 -25.21
CA ILE B 139 -0.22 -20.96 -24.18
C ILE B 139 0.81 -19.85 -23.97
N VAL B 140 1.25 -19.70 -22.73
CA VAL B 140 2.28 -18.74 -22.37
C VAL B 140 3.54 -19.50 -21.97
N LEU B 141 4.70 -18.89 -22.14
CA LEU B 141 5.96 -19.55 -21.82
C LEU B 141 6.90 -18.62 -21.05
N TYR B 155 17.32 -1.62 -30.76
CA TYR B 155 17.71 -2.00 -29.40
C TYR B 155 17.54 -0.84 -28.42
N ASN B 156 17.32 0.36 -28.93
CA ASN B 156 17.14 1.53 -28.07
C ASN B 156 16.23 2.56 -28.74
N VAL B 157 15.11 2.86 -28.09
CA VAL B 157 14.10 3.74 -28.68
C VAL B 157 14.60 5.18 -28.68
N THR B 158 14.29 5.92 -29.75
CA THR B 158 14.71 7.31 -29.89
C THR B 158 13.51 8.23 -29.81
N GLN B 159 13.57 9.21 -28.92
CA GLN B 159 12.38 9.99 -28.55
C GLN B 159 12.43 11.43 -29.03
N GLU B 160 11.34 11.86 -29.66
CA GLU B 160 11.14 13.26 -29.99
C GLU B 160 10.01 13.82 -29.14
N PHE B 161 9.98 15.13 -28.98
CA PHE B 161 9.01 15.79 -28.12
C PHE B 161 8.64 17.17 -28.63
N LYS B 162 7.41 17.59 -28.35
CA LYS B 162 6.91 18.90 -28.74
C LYS B 162 6.19 19.56 -27.58
N TYR B 163 6.22 20.90 -27.54
CA TYR B 163 5.59 21.66 -26.47
C TYR B 163 4.62 22.72 -26.97
N ILE B 164 3.64 23.03 -26.12
CA ILE B 164 2.69 24.10 -26.40
C ILE B 164 2.42 24.90 -25.14
N ILE B 165 2.63 26.22 -25.23
CA ILE B 165 2.34 27.11 -24.12
C ILE B 165 0.87 27.55 -24.20
N LEU B 166 0.24 27.69 -23.05
CA LEU B 166 -1.19 28.02 -23.00
C LEU B 166 -1.40 29.15 -22.00
N GLY B 167 -2.27 30.09 -22.35
CA GLY B 167 -2.51 31.27 -21.53
C GLY B 167 -3.89 31.36 -20.91
N ASN B 168 -3.93 31.47 -19.59
CA ASN B 168 -5.16 31.72 -18.86
C ASN B 168 -4.86 32.27 -17.48
N ASP B 169 -4.85 33.59 -17.36
CA ASP B 169 -4.39 34.28 -16.16
C ASP B 169 -2.88 34.06 -16.01
N SER B 170 -2.48 32.82 -15.76
CA SER B 170 -1.08 32.43 -15.80
C SER B 170 -0.76 31.76 -17.14
N TYR B 171 0.36 31.04 -17.17
CA TYR B 171 0.79 30.32 -18.37
C TYR B 171 1.06 28.86 -18.01
N THR B 172 0.78 27.96 -18.95
CA THR B 172 1.00 26.52 -18.74
C THR B 172 1.59 25.85 -19.97
N ILE B 173 2.52 24.92 -19.75
CA ILE B 173 3.18 24.21 -20.83
C ILE B 173 2.69 22.77 -20.91
N ASN B 174 2.22 22.36 -22.08
CA ASN B 174 1.86 20.96 -22.32
C ASN B 174 2.84 20.36 -23.33
N GLY B 175 3.35 19.18 -23.01
CA GLY B 175 4.37 18.52 -23.81
C GLY B 175 4.00 17.14 -24.26
N LYS B 176 4.08 16.90 -25.57
CA LYS B 176 3.76 15.60 -26.16
C LYS B 176 5.03 14.88 -26.60
N PHE B 177 5.10 13.59 -26.32
CA PHE B 177 6.30 12.78 -26.56
C PHE B 177 6.01 11.60 -27.46
N VAL B 178 6.96 11.29 -28.34
CA VAL B 178 6.82 10.19 -29.29
C VAL B 178 8.18 9.53 -29.52
N TRP B 179 8.16 8.25 -29.89
CA TRP B 179 9.40 7.53 -30.21
C TRP B 179 9.15 6.44 -31.25
N ASN B 180 10.22 6.03 -31.94
CA ASN B 180 10.12 5.04 -32.99
C ASN B 180 9.97 3.60 -32.49
N THR B 181 9.57 2.71 -33.38
CA THR B 181 9.27 1.32 -33.05
C THR B 181 9.97 0.37 -34.02
N THR B 182 10.32 -0.82 -33.52
CA THR B 182 10.97 -1.83 -34.35
C THR B 182 9.98 -2.47 -35.32
N GLY B 183 10.49 -3.37 -36.16
CA GLY B 183 9.67 -4.05 -37.14
C GLY B 183 8.92 -5.24 -36.55
N ASP B 184 8.90 -5.34 -35.23
CA ASP B 184 8.16 -6.39 -34.55
C ASP B 184 6.67 -6.07 -34.53
N ARG B 185 5.87 -7.03 -34.08
CA ARG B 185 4.41 -6.88 -34.05
C ARG B 185 3.90 -6.59 -32.66
N ASP B 186 3.01 -5.60 -32.56
CA ASP B 186 2.31 -5.30 -31.31
C ASP B 186 3.26 -5.02 -30.15
N LEU B 187 3.68 -3.77 -30.01
CA LEU B 187 4.56 -3.37 -28.91
C LEU B 187 3.83 -2.58 -27.84
N CYS B 188 3.93 -3.07 -26.60
CA CYS B 188 3.41 -2.36 -25.44
C CYS B 188 4.55 -1.61 -24.77
N PHE B 189 4.23 -0.56 -24.02
CA PHE B 189 5.27 0.22 -23.36
C PHE B 189 4.86 0.71 -21.98
N ASP B 190 5.85 1.01 -21.15
CA ASP B 190 5.63 1.63 -19.85
C ASP B 190 6.47 2.89 -19.74
N ILE B 191 5.82 4.02 -19.51
CA ILE B 191 6.49 5.32 -19.54
C ILE B 191 6.44 6.01 -18.20
N ALA B 192 7.58 6.59 -17.81
CA ALA B 192 7.67 7.41 -16.60
C ALA B 192 8.37 8.72 -16.90
N ASN B 193 7.80 9.82 -16.42
CA ASN B 193 8.37 11.15 -16.66
C ASN B 193 8.40 12.01 -15.40
N ILE B 194 9.51 12.72 -15.21
CA ILE B 194 9.68 13.59 -14.06
C ILE B 194 10.44 14.86 -14.43
N CYS B 195 10.15 15.94 -13.72
CA CYS B 195 10.83 17.22 -13.94
C CYS B 195 11.27 17.84 -12.62
N GLN B 196 12.22 18.77 -12.70
CA GLN B 196 12.78 19.43 -11.53
C GLN B 196 11.73 20.20 -10.73
N ASN B 197 10.66 20.62 -11.40
CA ASN B 197 9.60 21.40 -10.75
C ASN B 197 8.20 20.92 -11.13
N THR B 198 8.08 19.61 -11.36
CA THR B 198 6.77 19.00 -11.58
C THR B 198 6.77 17.58 -11.02
N ASN B 199 5.68 17.22 -10.36
CA ASN B 199 5.55 15.89 -9.78
C ASN B 199 5.48 14.82 -10.88
N MET B 200 5.97 13.63 -10.56
CA MET B 200 6.10 12.55 -11.53
C MET B 200 4.76 12.23 -12.22
N LYS B 201 4.86 11.76 -13.45
CA LYS B 201 3.70 11.22 -14.18
C LYS B 201 4.11 9.93 -14.85
N HIS B 202 3.28 8.90 -14.71
CA HIS B 202 3.57 7.59 -15.25
C HIS B 202 2.38 7.00 -15.98
N ALA B 203 2.64 6.19 -17.00
CA ALA B 203 1.57 5.60 -17.79
C ALA B 203 2.00 4.26 -18.39
N LYS B 204 1.00 3.50 -18.84
CA LYS B 204 1.19 2.20 -19.46
C LYS B 204 0.49 2.18 -20.81
N ILE B 205 1.28 2.10 -21.88
CA ILE B 205 0.73 2.17 -23.23
C ILE B 205 0.50 0.77 -23.78
N TRP B 206 -0.78 0.46 -24.01
CA TRP B 206 -1.20 -0.77 -24.66
C TRP B 206 -0.77 -0.72 -26.12
N PRO B 207 -0.81 -1.87 -26.83
CA PRO B 207 -0.23 -1.84 -28.18
C PRO B 207 -1.03 -1.00 -29.18
N THR B 208 -0.37 0.02 -29.71
CA THR B 208 -0.98 0.90 -30.72
C THR B 208 -0.13 0.91 -31.99
N ALA B 209 -0.67 1.48 -33.06
CA ALA B 209 0.07 1.61 -34.31
C ALA B 209 1.29 2.50 -34.11
N HIS B 210 1.10 3.59 -33.34
CA HIS B 210 2.17 4.52 -33.05
C HIS B 210 2.03 5.06 -31.62
N PRO B 211 3.00 4.74 -30.73
CA PRO B 211 2.86 5.17 -29.34
C PRO B 211 3.07 6.67 -29.15
N SER B 212 2.39 7.23 -28.15
CA SER B 212 2.51 8.65 -27.82
C SER B 212 2.25 8.84 -26.34
N PHE B 213 2.96 9.80 -25.73
CA PHE B 213 2.82 10.08 -24.31
C PHE B 213 2.67 11.56 -24.06
N ASP B 214 1.57 11.94 -23.40
CA ASP B 214 1.29 13.34 -23.10
C ASP B 214 1.79 13.72 -21.72
N VAL B 215 2.21 14.98 -21.59
CA VAL B 215 2.63 15.53 -20.30
C VAL B 215 2.03 16.93 -20.12
N GLU B 216 1.65 17.25 -18.88
CA GLU B 216 1.05 18.54 -18.57
C GLU B 216 1.72 19.17 -17.35
N ASN B 217 1.34 20.42 -17.08
CA ASN B 217 1.85 21.15 -15.91
C ASN B 217 3.36 21.37 -15.98
N LEU B 218 3.91 21.37 -17.18
CA LEU B 218 5.32 21.66 -17.38
C LEU B 218 5.56 23.16 -17.23
N VAL B 219 6.83 23.54 -17.06
CA VAL B 219 7.19 24.95 -16.95
C VAL B 219 8.40 25.26 -17.82
N LEU B 220 8.70 26.54 -18.00
CA LEU B 220 9.79 26.98 -18.86
C LEU B 220 11.16 26.71 -18.24
N ASN B 221 12.13 26.34 -19.08
CA ASN B 221 13.51 26.16 -18.66
C ASN B 221 13.65 25.13 -17.54
N ASP B 222 12.88 24.05 -17.64
CA ASP B 222 12.90 23.00 -16.63
C ASP B 222 13.68 21.79 -17.11
N GLU B 223 14.54 21.26 -16.24
CA GLU B 223 15.36 20.10 -16.57
C GLU B 223 14.61 18.81 -16.26
N CYS B 224 14.06 18.19 -17.30
CA CYS B 224 13.24 17.00 -17.15
C CYS B 224 13.96 15.71 -17.57
N GLU B 225 13.33 14.58 -17.24
CA GLU B 225 13.81 13.27 -17.67
C GLU B 225 12.65 12.30 -17.82
N ILE B 226 12.70 11.49 -18.87
CA ILE B 226 11.66 10.51 -19.17
C ILE B 226 12.28 9.14 -19.48
N HIS B 227 11.74 8.11 -18.83
CA HIS B 227 12.14 6.73 -19.08
C HIS B 227 11.06 5.97 -19.84
N VAL B 228 11.48 5.31 -20.91
CA VAL B 228 10.58 4.49 -21.72
C VAL B 228 11.00 3.03 -21.67
N LYS B 229 10.17 2.23 -21.01
CA LYS B 229 10.38 0.79 -20.90
C LYS B 229 9.61 0.08 -22.02
N GLY B 230 10.33 -0.72 -22.80
CA GLY B 230 9.74 -1.47 -23.88
C GLY B 230 10.37 -2.83 -24.07
N ILE B 231 10.03 -3.49 -25.17
CA ILE B 231 10.53 -4.82 -25.46
C ILE B 231 12.05 -4.86 -25.52
N HIS B 232 12.66 -3.74 -25.92
CA HIS B 232 14.11 -3.64 -26.03
C HIS B 232 14.74 -3.15 -24.73
N GLY B 233 13.93 -3.01 -23.70
CA GLY B 233 14.41 -2.61 -22.39
C GLY B 233 14.05 -1.18 -22.04
N THR B 234 14.76 -0.63 -21.06
CA THR B 234 14.51 0.72 -20.59
C THR B 234 15.37 1.73 -21.35
N THR B 235 14.76 2.84 -21.74
CA THR B 235 15.48 3.94 -22.36
C THR B 235 15.27 5.22 -21.56
N LYS B 236 16.33 5.62 -20.85
CA LYS B 236 16.32 6.85 -20.08
C LYS B 236 16.65 8.02 -21.00
N HIS B 237 15.83 9.06 -20.94
CA HIS B 237 15.94 10.17 -21.88
C HIS B 237 15.79 11.52 -21.17
N LYS B 238 16.92 12.18 -20.95
CA LYS B 238 16.93 13.51 -20.34
C LYS B 238 16.50 14.55 -21.38
N TYR B 239 15.84 15.61 -20.92
CA TYR B 239 15.43 16.66 -21.84
C TYR B 239 15.07 17.94 -21.08
N LYS B 240 15.28 19.08 -21.73
CA LYS B 240 14.99 20.38 -21.13
C LYS B 240 13.82 21.05 -21.83
N THR B 241 12.89 21.59 -21.05
CA THR B 241 11.76 22.32 -21.62
C THR B 241 12.27 23.65 -22.16
N PRO B 242 11.76 24.08 -23.33
CA PRO B 242 12.30 25.26 -24.02
C PRO B 242 12.10 26.56 -23.24
N SER B 243 12.85 27.58 -23.65
CA SER B 243 12.71 28.91 -23.07
C SER B 243 11.55 29.62 -23.74
N CYS B 244 11.27 30.85 -23.31
CA CYS B 244 10.13 31.59 -23.84
C CYS B 244 10.38 32.07 -25.27
N PHE B 245 11.63 32.46 -25.56
CA PHE B 245 11.98 32.94 -26.89
C PHE B 245 11.92 31.83 -27.92
N GLU B 246 11.93 30.59 -27.45
CA GLU B 246 11.86 29.41 -28.32
C GLU B 246 10.42 29.06 -28.67
N LEU B 247 9.49 29.54 -27.85
CA LEU B 247 8.06 29.33 -28.08
C LEU B 247 7.41 30.61 -28.59
N PRO B 248 7.15 30.70 -29.90
CA PRO B 248 6.62 31.93 -30.51
C PRO B 248 5.44 32.53 -29.76
N GLU B 249 4.51 31.67 -29.34
CA GLU B 249 3.32 32.13 -28.64
C GLU B 249 3.66 32.69 -27.26
N CYS B 250 4.79 32.25 -26.71
CA CYS B 250 5.28 32.80 -25.45
C CYS B 250 5.94 34.15 -25.68
N PHE B 251 6.85 34.18 -26.64
CA PHE B 251 7.64 35.37 -26.93
C PHE B 251 6.76 36.54 -27.41
N LEU B 252 5.82 36.26 -28.29
CA LEU B 252 4.95 37.30 -28.83
C LEU B 252 4.07 37.94 -27.75
N ASN B 253 3.47 37.11 -26.89
CA ASN B 253 2.59 37.59 -25.83
C ASN B 253 3.34 37.88 -24.53
N ASN B 254 4.63 38.19 -24.66
CA ASN B 254 5.42 38.66 -23.53
C ASN B 254 6.39 39.75 -23.98
N MET B 255 6.99 40.43 -23.02
CA MET B 255 7.94 41.50 -23.31
C MET B 255 9.24 40.91 -23.85
N GLU B 256 9.88 41.67 -24.75
CA GLU B 256 10.96 41.16 -25.58
C GLU B 256 12.22 42.01 -25.43
N PRO B 257 13.32 41.62 -26.10
CA PRO B 257 14.50 42.49 -26.09
C PRO B 257 14.23 43.84 -26.77
N PRO C 14 22.01 29.91 -0.76
CA PRO C 14 22.85 30.36 0.35
C PRO C 14 23.71 29.25 0.93
N CYS C 15 23.10 28.33 1.68
CA CYS C 15 23.81 27.24 2.32
C CYS C 15 23.14 25.91 2.00
N THR C 16 22.94 25.65 0.71
CA THR C 16 22.21 24.48 0.25
C THR C 16 22.86 23.82 -0.96
N CYS C 17 22.58 22.53 -1.14
CA CYS C 17 23.10 21.77 -2.28
C CYS C 17 21.99 21.49 -3.29
N LYS C 18 22.25 21.81 -4.56
CA LYS C 18 21.30 21.54 -5.63
C LYS C 18 21.20 20.03 -5.89
N TYR C 19 19.97 19.53 -5.96
CA TYR C 19 19.71 18.09 -6.03
C TYR C 19 19.23 17.65 -7.42
N LYS C 20 19.42 16.37 -7.71
CA LYS C 20 19.00 15.77 -8.98
C LYS C 20 17.88 14.76 -8.78
N LYS C 21 16.85 14.85 -9.62
CA LYS C 21 15.72 13.91 -9.54
C LYS C 21 15.98 12.68 -10.42
N GLU C 22 15.50 11.52 -9.96
CA GLU C 22 15.67 10.27 -10.68
C GLU C 22 14.48 9.34 -10.43
N ILE C 23 14.35 8.31 -11.27
CA ILE C 23 13.24 7.37 -11.17
C ILE C 23 13.69 5.96 -10.77
N GLU C 24 12.93 5.36 -9.85
CA GLU C 24 13.14 3.98 -9.44
C GLU C 24 12.01 3.09 -9.96
N ASP C 25 12.36 2.10 -10.76
CA ASP C 25 11.37 1.26 -11.43
C ASP C 25 10.70 0.28 -10.47
N LEU C 26 11.50 -0.44 -9.69
CA LEU C 26 11.00 -1.41 -8.72
C LEU C 26 10.13 -2.52 -9.33
N GLY C 27 10.19 -2.65 -10.65
CA GLY C 27 9.41 -3.68 -11.34
C GLY C 27 7.92 -3.42 -11.32
N GLU C 28 7.20 -4.12 -12.21
CA GLU C 28 5.76 -3.93 -12.34
C GLU C 28 4.97 -4.59 -11.22
N ASN C 29 5.63 -5.46 -10.46
CA ASN C 29 4.96 -6.17 -9.36
C ASN C 29 4.60 -5.24 -8.22
N SER C 30 5.25 -4.08 -8.16
CA SER C 30 4.96 -3.09 -7.12
C SER C 30 3.80 -2.19 -7.54
N VAL C 31 2.89 -1.91 -6.62
CA VAL C 31 1.77 -1.03 -6.90
C VAL C 31 2.30 0.38 -7.16
N PRO C 32 3.09 0.93 -6.22
CA PRO C 32 3.83 2.15 -6.59
C PRO C 32 5.08 1.76 -7.35
N ARG C 33 4.96 1.66 -8.67
CA ARG C 33 6.06 1.21 -9.49
C ARG C 33 7.18 2.24 -9.51
N PHE C 34 6.95 3.32 -10.25
CA PHE C 34 7.96 4.36 -10.40
C PHE C 34 8.04 5.25 -9.16
N ILE C 35 9.22 5.30 -8.56
CA ILE C 35 9.47 6.12 -7.36
C ILE C 35 10.39 7.30 -7.66
N GLU C 36 10.07 8.44 -7.06
CA GLU C 36 10.86 9.66 -7.23
C GLU C 36 12.01 9.70 -6.22
N THR C 37 13.23 9.81 -6.75
CA THR C 37 14.44 9.85 -5.92
C THR C 37 15.23 11.13 -6.19
N ARG C 38 15.46 11.90 -5.13
CA ARG C 38 16.17 13.17 -5.23
C ARG C 38 17.58 13.05 -4.66
N ASN C 39 18.54 12.80 -5.54
CA ASN C 39 19.94 12.63 -5.13
C ASN C 39 20.69 13.96 -5.09
N CYS C 40 21.96 13.90 -4.69
CA CYS C 40 22.73 15.12 -4.43
C CYS C 40 23.39 15.72 -5.67
N GLN C 41 23.08 15.17 -6.84
CA GLN C 41 23.65 15.66 -8.09
C GLN C 41 25.18 15.61 -8.06
N PRO C 46 29.37 23.13 -6.47
CA PRO C 46 29.47 23.17 -5.01
C PRO C 46 29.44 24.57 -4.40
N THR C 47 28.53 24.76 -3.45
CA THR C 47 28.68 25.79 -2.43
C THR C 47 28.45 25.07 -1.11
N CYS C 48 28.20 25.81 -0.06
CA CYS C 48 28.10 25.25 1.29
C CYS C 48 29.39 24.48 1.61
N ARG C 49 30.51 25.15 1.39
CA ARG C 49 31.84 24.61 1.66
C ARG C 49 31.98 24.16 3.12
N PRO C 50 33.04 23.40 3.45
CA PRO C 50 33.21 22.94 4.83
C PRO C 50 33.07 24.05 5.87
N PRO C 51 32.84 23.71 7.15
CA PRO C 51 32.82 22.36 7.72
C PRO C 51 31.61 21.53 7.28
N TYR C 52 30.62 22.17 6.67
CA TYR C 52 29.43 21.45 6.21
C TYR C 52 29.72 20.76 4.89
N ILE C 53 29.20 19.56 4.71
CA ILE C 53 29.32 18.85 3.43
C ILE C 53 27.97 18.27 3.02
N CYS C 54 27.72 18.24 1.72
CA CYS C 54 26.45 17.79 1.16
C CYS C 54 26.20 16.30 1.35
N LYS C 55 25.17 15.98 2.15
CA LYS C 55 24.73 14.61 2.36
C LYS C 55 23.38 14.37 1.66
N GLU C 56 23.00 13.11 1.49
CA GLU C 56 21.69 12.76 0.95
C GLU C 56 20.72 12.30 2.04
N SER C 57 19.60 13.00 2.15
CA SER C 57 18.61 12.71 3.18
C SER C 57 17.78 11.48 2.81
N LEU C 58 18.04 10.37 3.50
CA LEU C 58 17.30 9.14 3.26
C LEU C 58 15.93 9.19 3.93
N TYR C 59 14.90 8.81 3.18
CA TYR C 59 13.54 8.80 3.68
C TYR C 59 12.90 7.46 3.33
N SER C 60 12.30 6.82 4.34
CA SER C 60 11.73 5.49 4.17
C SER C 60 10.29 5.57 3.67
N ILE C 61 10.04 4.94 2.53
CA ILE C 61 8.70 4.83 1.98
C ILE C 61 8.29 3.37 1.89
N THR C 62 6.98 3.15 1.85
CA THR C 62 6.42 1.79 1.81
C THR C 62 6.00 1.45 0.39
N ILE C 63 6.40 0.26 -0.07
CA ILE C 63 5.98 -0.22 -1.38
C ILE C 63 5.21 -1.53 -1.23
N LEU C 64 4.22 -1.71 -2.09
CA LEU C 64 3.37 -2.89 -2.07
C LEU C 64 3.70 -3.84 -3.22
N LYS C 65 4.55 -4.82 -2.95
CA LYS C 65 4.88 -5.84 -3.93
C LYS C 65 3.85 -6.96 -3.83
N ARG C 66 4.17 -8.16 -4.33
CA ARG C 66 3.16 -9.23 -4.34
C ARG C 66 3.72 -10.65 -4.17
N ARG C 67 2.82 -11.62 -4.33
CA ARG C 67 3.03 -13.03 -3.96
C ARG C 67 4.44 -13.58 -4.11
N GLU C 68 4.97 -14.08 -3.01
CA GLU C 68 6.25 -14.78 -2.97
C GLU C 68 6.12 -15.96 -2.00
N THR C 69 7.22 -16.70 -1.81
CA THR C 69 7.20 -17.87 -0.93
C THR C 69 7.57 -17.50 0.51
N LYS C 70 6.58 -17.04 1.27
CA LYS C 70 6.75 -16.70 2.68
C LYS C 70 8.05 -15.94 2.94
N SER C 71 8.37 -15.00 2.06
CA SER C 71 9.63 -14.28 2.13
C SER C 71 9.57 -13.16 3.15
N GLN C 72 10.54 -13.16 4.07
CA GLN C 72 10.61 -12.15 5.13
C GLN C 72 9.30 -12.07 5.90
N GLU C 73 9.03 -10.89 6.46
CA GLU C 73 7.74 -10.61 7.09
C GLU C 73 7.19 -9.30 6.53
N SER C 74 6.08 -9.41 5.79
CA SER C 74 5.42 -8.23 5.23
C SER C 74 5.11 -7.24 6.35
N LEU C 75 5.50 -5.98 6.15
CA LEU C 75 5.27 -4.94 7.14
C LEU C 75 3.81 -4.95 7.57
N GLU C 76 3.57 -4.73 8.86
CA GLU C 76 2.27 -5.04 9.46
C GLU C 76 1.09 -4.44 8.70
N ILE C 77 0.32 -5.35 8.11
CA ILE C 77 -0.93 -5.02 7.43
C ILE C 77 -1.87 -6.17 7.79
N PRO C 78 -2.56 -6.04 8.95
CA PRO C 78 -3.13 -7.23 9.61
C PRO C 78 -3.89 -8.11 8.64
N ASN C 79 -3.32 -9.28 8.37
CA ASN C 79 -3.67 -10.06 7.18
C ASN C 79 -5.14 -10.44 7.10
N GLU C 80 -5.84 -9.72 6.22
CA GLU C 80 -7.23 -9.98 5.90
C GLU C 80 -7.36 -10.26 4.42
N LEU C 81 -7.24 -9.20 3.62
CA LEU C 81 -7.41 -9.26 2.19
C LEU C 81 -6.11 -9.55 1.46
N LYS C 82 -4.99 -9.25 2.13
CA LYS C 82 -3.71 -9.20 1.44
C LYS C 82 -2.58 -10.02 2.05
N TYR C 83 -2.35 -11.18 1.47
CA TYR C 83 -0.99 -11.70 1.36
C TYR C 83 -0.71 -11.93 -0.12
N ARG C 84 -1.76 -11.77 -0.93
CA ARG C 84 -1.63 -11.66 -2.38
C ARG C 84 -0.67 -10.52 -2.68
N TRP C 85 -0.63 -9.54 -1.78
CA TRP C 85 0.31 -8.42 -1.87
C TRP C 85 1.21 -8.39 -0.63
N VAL C 86 2.32 -7.66 -0.73
CA VAL C 86 3.33 -7.64 0.32
C VAL C 86 3.87 -6.23 0.51
N ALA C 87 3.88 -5.76 1.75
CA ALA C 87 4.40 -4.43 2.08
C ALA C 87 5.87 -4.49 2.46
N GLU C 88 6.66 -3.59 1.87
CA GLU C 88 8.10 -3.51 2.18
C GLU C 88 8.56 -2.07 2.37
N SER C 89 9.50 -1.90 3.29
CA SER C 89 10.10 -0.59 3.53
C SER C 89 11.12 -0.29 2.45
N HIS C 90 11.27 0.98 2.09
CA HIS C 90 12.21 1.35 1.06
C HIS C 90 12.81 2.72 1.32
N PRO C 91 14.03 2.77 1.88
CA PRO C 91 14.67 4.08 2.06
C PRO C 91 15.15 4.65 0.74
N VAL C 92 14.90 5.94 0.50
CA VAL C 92 15.34 6.59 -0.73
C VAL C 92 15.78 8.03 -0.48
N SER C 93 16.75 8.48 -1.27
CA SER C 93 17.18 9.87 -1.21
C SER C 93 16.03 10.77 -1.63
N VAL C 94 15.75 11.78 -0.84
CA VAL C 94 14.62 12.67 -1.08
C VAL C 94 15.01 14.14 -0.92
N ALA C 95 16.28 14.37 -0.58
CA ALA C 95 16.80 15.72 -0.48
C ALA C 95 18.31 15.66 -0.32
N CYS C 96 18.97 16.78 -0.59
CA CYS C 96 20.41 16.89 -0.37
C CYS C 96 20.69 17.97 0.66
N LEU C 97 20.83 17.55 1.91
CA LEU C 97 21.07 18.48 3.00
C LEU C 97 22.56 18.81 3.10
N CYS C 98 22.87 19.89 3.83
CA CYS C 98 24.25 20.29 4.04
C CYS C 98 24.47 20.57 5.53
N THR C 99 24.00 19.66 6.36
CA THR C 99 24.19 19.77 7.81
C THR C 99 25.45 19.03 8.23
N ARG C 100 26.16 19.61 9.20
CA ARG C 100 27.43 19.05 9.68
C ARG C 100 27.22 17.89 10.65
N ASP C 101 25.97 17.58 10.96
CA ASP C 101 25.65 16.57 11.97
C ASP C 101 25.79 15.15 11.43
N TYR C 102 26.46 14.30 12.20
CA TYR C 102 26.66 12.89 11.85
C TYR C 102 27.38 12.73 10.51
N GLN C 103 28.71 12.73 10.55
CA GLN C 103 29.53 12.53 9.37
C GLN C 103 30.21 11.17 9.40
N ALA D 9 36.47 26.18 15.08
CA ALA D 9 36.40 25.44 13.82
C ALA D 9 34.95 25.37 13.32
N ILE D 10 34.06 24.94 14.19
CA ILE D 10 32.65 24.76 13.85
C ILE D 10 31.80 25.89 14.46
N PRO D 11 30.91 26.49 13.65
CA PRO D 11 29.99 27.51 14.19
C PRO D 11 28.68 26.92 14.71
N ASP D 12 27.98 27.69 15.52
CA ASP D 12 26.69 27.26 16.08
C ASP D 12 25.88 28.49 16.49
N PRO D 13 24.55 28.49 16.22
CA PRO D 13 23.77 27.49 15.49
C PRO D 13 24.18 27.38 14.03
N PRO D 14 23.96 26.20 13.42
CA PRO D 14 24.45 25.97 12.06
C PRO D 14 23.63 26.69 10.99
N CYS D 15 24.17 26.75 9.77
CA CYS D 15 23.53 27.45 8.67
C CYS D 15 22.22 26.77 8.29
N THR D 16 22.21 25.44 8.32
CA THR D 16 21.05 24.66 7.94
C THR D 16 19.80 25.08 8.69
N CYS D 17 18.67 25.10 8.00
CA CYS D 17 17.41 25.48 8.63
C CYS D 17 16.86 24.29 9.42
N LYS D 18 16.33 24.57 10.60
CA LYS D 18 15.80 23.53 11.48
C LYS D 18 14.65 22.79 10.83
N TYR D 19 14.60 21.48 11.07
CA TYR D 19 13.51 20.64 10.58
C TYR D 19 13.01 19.76 11.72
N LYS D 20 11.68 19.72 11.89
CA LYS D 20 11.06 18.98 12.98
C LYS D 20 10.19 17.85 12.42
N LYS D 21 10.33 16.67 13.00
CA LYS D 21 9.58 15.51 12.57
C LYS D 21 8.23 15.38 13.28
N GLU D 22 7.25 14.86 12.54
CA GLU D 22 5.91 14.64 13.07
C GLU D 22 5.30 13.44 12.36
N ILE D 23 4.25 12.89 12.94
CA ILE D 23 3.59 11.71 12.38
C ILE D 23 2.19 12.07 11.90
N GLU D 24 1.85 11.57 10.72
CA GLU D 24 0.52 11.73 10.15
C GLU D 24 -0.21 10.39 10.20
N ASP D 25 -1.35 10.38 10.89
CA ASP D 25 -2.08 9.14 11.14
C ASP D 25 -2.84 8.63 9.91
N LEU D 26 -3.59 9.51 9.27
CA LEU D 26 -4.37 9.16 8.08
C LEU D 26 -5.38 8.06 8.37
N GLY D 27 -5.62 7.77 9.64
CA GLY D 27 -6.57 6.73 10.03
C GLY D 27 -6.06 5.35 9.70
N GLU D 28 -6.71 4.35 10.27
CA GLU D 28 -6.33 2.95 10.07
C GLU D 28 -6.77 2.47 8.69
N ASN D 29 -7.63 3.26 8.04
CA ASN D 29 -8.13 2.92 6.72
C ASN D 29 -7.06 2.99 5.63
N SER D 30 -5.97 3.69 5.92
CA SER D 30 -4.87 3.81 4.98
C SER D 30 -3.92 2.62 5.11
N VAL D 31 -3.45 2.10 3.98
CA VAL D 31 -2.52 0.99 4.01
C VAL D 31 -1.21 1.45 4.66
N PRO D 32 -0.63 2.56 4.16
CA PRO D 32 0.43 3.19 4.95
C PRO D 32 -0.18 4.09 6.01
N ARG D 33 -0.41 3.56 7.20
CA ARG D 33 -1.08 4.31 8.24
C ARG D 33 -0.23 5.49 8.70
N PHE D 34 0.83 5.19 9.45
CA PHE D 34 1.69 6.22 9.99
C PHE D 34 2.63 6.78 8.91
N ILE D 35 2.54 8.08 8.68
CA ILE D 35 3.38 8.76 7.69
C ILE D 35 4.37 9.69 8.39
N GLU D 36 5.61 9.68 7.91
CA GLU D 36 6.66 10.55 8.44
C GLU D 36 6.63 11.92 7.77
N THR D 37 6.49 12.97 8.57
CA THR D 37 6.43 14.33 8.06
C THR D 37 7.52 15.20 8.70
N ARG D 38 8.39 15.77 7.85
CA ARG D 38 9.48 16.62 8.33
C ARG D 38 9.21 18.08 8.02
N ASN D 39 8.65 18.79 9.00
CA ASN D 39 8.30 20.20 8.83
C ASN D 39 9.47 21.11 9.21
N CYS D 40 9.25 22.41 9.12
CA CYS D 40 10.25 23.39 9.52
C CYS D 40 10.00 23.89 10.94
N THR D 47 22.01 31.61 10.92
CA THR D 47 20.75 31.44 10.21
C THR D 47 20.94 31.59 8.71
N CYS D 48 19.83 31.77 8.00
CA CYS D 48 19.79 31.90 6.54
C CYS D 48 18.88 33.06 6.19
N ARG D 49 19.17 34.24 6.74
CA ARG D 49 18.32 35.42 6.54
C ARG D 49 18.05 35.70 5.06
N PRO D 50 17.01 36.52 4.77
CA PRO D 50 16.55 36.84 3.41
C PRO D 50 17.65 37.27 2.43
N PRO D 51 17.34 37.30 1.12
CA PRO D 51 16.01 37.12 0.49
C PRO D 51 15.42 35.72 0.61
N TYR D 52 16.23 34.75 1.02
CA TYR D 52 15.77 33.36 1.15
C TYR D 52 14.98 33.10 2.42
N ILE D 53 13.98 32.23 2.31
CA ILE D 53 13.19 31.78 3.46
C ILE D 53 13.11 30.26 3.46
N CYS D 54 13.04 29.69 4.66
CA CYS D 54 12.99 28.25 4.82
C CYS D 54 11.70 27.69 4.22
N LYS D 55 11.83 26.80 3.25
CA LYS D 55 10.67 26.16 2.63
C LYS D 55 10.52 24.78 3.24
N GLU D 56 9.34 24.19 3.09
CA GLU D 56 9.13 22.81 3.45
C GLU D 56 9.10 22.03 2.14
N SER D 57 10.00 21.07 2.00
CA SER D 57 10.15 20.32 0.76
C SER D 57 9.01 19.33 0.59
N LEU D 58 8.09 19.63 -0.31
CA LEU D 58 6.96 18.76 -0.57
C LEU D 58 7.34 17.57 -1.43
N TYR D 59 6.94 16.38 -0.99
CA TYR D 59 7.19 15.15 -1.74
C TYR D 59 5.90 14.33 -1.80
N SER D 60 5.55 13.87 -3.00
CA SER D 60 4.31 13.15 -3.22
C SER D 60 4.49 11.65 -2.98
N ILE D 61 3.69 11.11 -2.07
CA ILE D 61 3.65 9.67 -1.82
C ILE D 61 2.26 9.13 -2.14
N THR D 62 2.17 7.83 -2.40
CA THR D 62 0.92 7.20 -2.78
C THR D 62 0.26 6.49 -1.60
N ILE D 63 -1.03 6.75 -1.40
CA ILE D 63 -1.82 6.09 -0.37
C ILE D 63 -3.05 5.42 -0.99
N LEU D 64 -3.47 4.30 -0.40
CA LEU D 64 -4.62 3.54 -0.90
C LEU D 64 -5.85 3.77 -0.04
N LYS D 65 -7.00 3.93 -0.69
CA LYS D 65 -8.27 4.15 0.01
C LYS D 65 -9.11 2.87 0.07
N ARG D 66 -10.13 2.87 0.92
CA ARG D 66 -10.88 1.66 1.25
C ARG D 66 -12.30 1.61 0.61
N ARG D 67 -13.09 0.64 1.06
CA ARG D 67 -14.42 0.36 0.52
C ARG D 67 -15.38 1.55 0.57
N GLU D 68 -15.30 2.33 1.64
CA GLU D 68 -16.25 3.42 1.87
C GLU D 68 -16.32 4.40 0.70
N THR D 69 -15.23 4.49 -0.07
CA THR D 69 -15.16 5.41 -1.19
C THR D 69 -15.88 4.83 -2.41
N LYS D 70 -16.30 5.72 -3.32
CA LYS D 70 -16.87 5.31 -4.60
C LYS D 70 -15.77 4.95 -5.59
N SER D 71 -14.56 4.76 -5.07
CA SER D 71 -13.39 4.46 -5.89
C SER D 71 -13.18 5.53 -6.96
N GLN D 72 -12.69 6.69 -6.54
CA GLN D 72 -12.42 7.79 -7.46
C GLN D 72 -11.22 7.47 -8.33
N GLU D 73 -10.83 8.44 -9.17
CA GLU D 73 -9.80 8.21 -10.18
C GLU D 73 -8.43 7.90 -9.57
N SER D 74 -8.00 6.66 -9.70
CA SER D 74 -6.64 6.27 -9.32
C SER D 74 -5.68 6.71 -10.41
N LEU D 75 -4.44 7.02 -10.03
CA LEU D 75 -3.43 7.40 -11.00
C LEU D 75 -3.10 6.19 -11.88
N GLU D 76 -2.70 5.10 -11.24
CA GLU D 76 -2.38 3.86 -11.94
C GLU D 76 -2.18 2.73 -10.95
N ILE D 77 -3.09 1.78 -10.94
CA ILE D 77 -2.99 0.60 -10.09
C ILE D 77 -3.47 -0.64 -10.83
N PRO D 78 -2.93 -1.82 -10.47
CA PRO D 78 -3.33 -3.06 -11.12
C PRO D 78 -4.82 -3.34 -10.97
N ASN D 79 -5.43 -3.90 -12.01
CA ASN D 79 -6.88 -4.08 -12.06
C ASN D 79 -7.41 -5.05 -11.01
N GLU D 80 -6.50 -5.74 -10.32
CA GLU D 80 -6.89 -6.56 -9.18
C GLU D 80 -7.27 -5.67 -8.00
N LEU D 81 -6.88 -4.40 -8.06
CA LEU D 81 -7.07 -3.47 -6.94
C LEU D 81 -7.97 -2.29 -7.31
N LYS D 82 -8.79 -2.46 -8.33
CA LYS D 82 -9.84 -1.50 -8.62
C LYS D 82 -11.07 -1.84 -7.78
N TYR D 83 -12.14 -1.07 -7.95
CA TYR D 83 -13.44 -1.38 -7.35
C TYR D 83 -13.47 -1.26 -5.82
N ARG D 84 -12.49 -1.85 -5.15
N ARG D 84 -12.47 -1.82 -5.17
CA ARG D 84 -12.41 -1.77 -3.70
CA ARG D 84 -12.39 -1.84 -3.70
C ARG D 84 -11.40 -0.71 -3.26
C ARG D 84 -11.35 -0.84 -3.19
N TRP D 85 -10.29 -0.65 -3.98
CA TRP D 85 -9.18 0.23 -3.60
C TRP D 85 -8.90 1.31 -4.65
N VAL D 86 -8.31 2.41 -4.20
CA VAL D 86 -7.85 3.49 -5.08
C VAL D 86 -6.59 4.15 -4.54
N ALA D 87 -5.60 4.29 -5.41
CA ALA D 87 -4.35 4.93 -5.07
C ALA D 87 -4.43 6.42 -5.37
N GLU D 88 -4.01 7.23 -4.41
CA GLU D 88 -4.01 8.68 -4.56
C GLU D 88 -2.69 9.27 -4.09
N SER D 89 -2.28 10.35 -4.73
CA SER D 89 -1.06 11.04 -4.39
C SER D 89 -1.24 11.87 -3.12
N HIS D 90 -0.16 12.02 -2.37
CA HIS D 90 -0.18 12.76 -1.11
C HIS D 90 1.13 13.52 -0.91
N PRO D 91 1.13 14.83 -1.18
CA PRO D 91 2.34 15.61 -0.93
C PRO D 91 2.56 15.81 0.56
N VAL D 92 3.81 15.65 1.00
CA VAL D 92 4.14 15.84 2.41
C VAL D 92 5.51 16.49 2.55
N SER D 93 5.69 17.29 3.60
CA SER D 93 6.98 17.87 3.90
C SER D 93 7.98 16.78 4.23
N VAL D 94 9.15 16.84 3.59
CA VAL D 94 10.16 15.81 3.75
C VAL D 94 11.55 16.42 3.98
N ALA D 95 11.61 17.75 3.98
CA ALA D 95 12.85 18.45 4.27
C ALA D 95 12.56 19.93 4.45
N CYS D 96 13.48 20.64 5.09
CA CYS D 96 13.38 22.09 5.23
C CYS D 96 14.58 22.74 4.56
N LEU D 97 14.33 23.54 3.53
CA LEU D 97 15.38 24.10 2.69
C LEU D 97 15.24 25.61 2.53
N CYS D 98 16.37 26.30 2.36
CA CYS D 98 16.37 27.76 2.35
C CYS D 98 16.28 28.34 0.94
N THR D 99 15.22 27.96 0.22
CA THR D 99 14.93 28.56 -1.09
C THR D 99 13.97 29.74 -0.93
N ARG D 100 14.33 30.87 -1.53
CA ARG D 100 13.53 32.09 -1.42
C ARG D 100 12.14 31.91 -2.01
N ASP D 101 11.27 32.89 -1.78
CA ASP D 101 9.93 32.87 -2.34
C ASP D 101 9.97 33.29 -3.81
N TYR D 102 9.01 32.79 -4.58
CA TYR D 102 8.98 33.02 -6.03
C TYR D 102 10.28 32.57 -6.69
C1 NAG E . -2.31 10.88 35.42
C2 NAG E . -3.79 11.00 35.04
C3 NAG E . -4.14 12.45 34.66
C4 NAG E . -3.66 13.43 35.73
C5 NAG E . -2.21 13.16 36.13
C6 NAG E . -1.76 13.97 37.32
C7 NAG E . -4.84 9.01 34.05
C8 NAG E . -5.07 8.22 32.79
N2 NAG E . -4.11 10.11 33.92
O3 NAG E . -5.54 12.57 34.48
O4 NAG E . -3.71 14.75 35.21
O5 NAG E . -2.04 11.79 36.48
O6 NAG E . -2.80 14.78 37.85
O7 NAG E . -5.31 8.64 35.12
H1 NAG E . -1.76 11.12 34.65
H2 NAG E . -4.33 10.75 35.80
H3 NAG E . -3.69 12.66 33.81
H4 NAG E . -4.24 13.36 36.52
H5 NAG E . -1.64 13.37 35.36
H61 NAG E . -1.02 14.55 37.04
H62 NAG E . -1.43 13.37 38.01
H81 NAG E . -4.20 7.93 32.42
H82 NAG E . -5.62 7.44 32.98
H83 NAG E . -5.52 8.78 32.13
HN2 NAG E . -3.79 10.33 33.09
HO3 NAG E . -5.70 13.06 33.76
HO6 NAG E . -2.63 14.94 38.70
C1 NAG E . -4.89 15.48 35.59
C2 NAG E . -4.51 16.94 35.82
C3 NAG E . -5.73 17.74 36.27
C4 NAG E . -6.85 17.58 35.26
C5 NAG E . -7.13 16.10 34.96
C6 NAG E . -8.10 15.92 33.82
C7 NAG E . -2.50 17.99 36.77
C8 NAG E . -1.47 17.95 37.86
N2 NAG E . -3.44 17.04 36.81
O3 NAG E . -5.38 19.11 36.41
O4 NAG E . -8.04 18.18 35.77
O5 NAG E . -5.92 15.43 34.59
O6 NAG E . -8.35 14.54 33.56
O7 NAG E . -2.48 18.85 35.89
H1 NAG E . -5.25 15.12 36.42
H2 NAG E . -4.20 17.32 34.99
H3 NAG E . -6.04 17.39 37.14
H4 NAG E . -6.60 18.03 34.43
H5 NAG E . -7.50 15.69 35.76
H61 NAG E . -7.73 16.32 33.01
H62 NAG E . -8.95 16.35 34.04
H81 NAG E . -0.83 18.67 37.74
H82 NAG E . -0.99 17.09 37.83
H83 NAG E . -1.90 18.03 38.73
HN2 NAG E . -3.40 16.43 37.48
HO3 NAG E . -6.11 19.61 36.34
HO4 NAG E . -8.64 17.54 35.96
HO6 NAG E . -9.18 14.34 33.80
C1 NAG F . 14.99 4.06 -33.58
C2 NAG F . 15.27 2.58 -33.33
C3 NAG F . 16.74 2.39 -32.94
C4 NAG F . 17.67 3.04 -33.97
C5 NAG F . 17.27 4.50 -34.19
C6 NAG F . 18.05 5.17 -35.28
C7 NAG F . 13.41 1.19 -32.53
C8 NAG F . 12.61 0.76 -31.33
N2 NAG F . 14.40 2.05 -32.29
O3 NAG F . 17.03 0.99 -32.85
O4 NAG F . 19.01 3.03 -33.48
O5 NAG F . 15.89 4.57 -34.56
O6 NAG F . 18.73 4.23 -36.12
O7 NAG F . 13.15 0.80 -33.66
H1 NAG F . 15.11 4.56 -32.75
H2 NAG F . 15.10 2.09 -34.15
H3 NAG F . 16.90 2.80 -32.07
H4 NAG F . 17.63 2.56 -34.80
H5 NAG F . 17.40 4.99 -33.35
H61 NAG F . 17.44 5.70 -35.84
H62 NAG F . 18.71 5.78 -34.89
H81 NAG F . 11.91 0.14 -31.61
H82 NAG F . 13.21 0.31 -30.69
H83 NAG F . 12.21 1.53 -30.91
HN2 NAG F . 14.55 2.31 -31.43
HO3 NAG F . 17.53 0.84 -32.13
HO6 NAG F . 18.96 4.63 -36.88
C1 NAG F . 19.78 1.93 -33.98
C2 NAG F . 21.24 2.36 -34.11
C3 NAG F . 22.10 1.20 -34.62
C4 NAG F . 21.90 -0.02 -33.74
C5 NAG F . 20.42 -0.36 -33.63
C6 NAG F . 20.14 -1.49 -32.67
C7 NAG F . 21.30 4.77 -34.55
C8 NAG F . 21.45 5.84 -35.60
N2 NAG F . 21.38 3.51 -34.99
O3 NAG F . 23.47 1.59 -34.62
O4 NAG F . 22.59 -1.14 -34.32
O5 NAG F . 19.70 0.78 -33.13
O6 NAG F . 18.87 -2.08 -32.91
O7 NAG F . 21.10 5.06 -33.37
H1 NAG F . 19.45 1.68 -34.87
H2 NAG F . 21.57 2.61 -33.22
H3 NAG F . 21.83 0.98 -35.53
H4 NAG F . 22.27 0.15 -32.86
H5 NAG F . 20.07 -0.60 -34.51
H61 NAG F . 20.84 -2.18 -32.77
H62 NAG F . 20.17 -1.15 -31.75
H81 NAG F . 20.75 5.74 -36.28
H82 NAG F . 22.33 5.75 -36.03
H83 NAG F . 21.37 6.72 -35.18
HN2 NAG F . 21.51 3.37 -35.87
HO3 NAG F . 23.83 1.38 -35.40
HO4 NAG F . 23.31 -1.32 -33.83
HO6 NAG F . 18.79 -2.83 -32.42
#